data_6H6X
#
_entry.id   6H6X
#
_cell.length_a   167.720
_cell.length_b   63.930
_cell.length_c   98.300
_cell.angle_alpha   90.00
_cell.angle_beta   90.00
_cell.angle_gamma   90.00
#
_symmetry.space_group_name_H-M   'P 21 21 21'
#
loop_
_entity.id
_entity.type
_entity.pdbx_description
1 polymer '3-polyprenyl-4-hydroxybenzoate decarboxylase and related decarboxylases'
2 non-polymer 'POTASSIUM ION'
3 non-polymer 'MANGANESE (II) ION'
4 non-polymer '1-deoxy-5-O-phosphono-1-(3,3,4,5-tetramethyl-9,11-dioxo-2,3,8,9,10,11-hexahydro-7H-quinolino[1,8-fg]pteridin-12-ium-7-y l)-D-ribitol'
5 non-polymer 'CALCIUM ION'
6 water water
#
_entity_poly.entity_id   1
_entity_poly.type   'polypeptide(L)'
_entity_poly.pdbx_seq_one_letter_code
;MSHSLREWLAFLEGKGKLKRVRKEVDPVFEIAALGKQADGICSLLFERVKGYAVPVVTGLAGDRELFAAAMSVPVEGMLE
KLAAAVENPVPCRLVSPDGAPVKECIIRENIDLLKMLPIPTHHAGDAGPYITAAILIARDPDSGVRNVSIHRLQVTGPDR
LGILILPRHLWHFFGKAERAGRPLEIALAIGVHPAVLLASQATTRLGVDELEIASALLPQPLELVKCETVDVEVPAGAEI
VIEGKILPGVREVEGPFGEYPRYYGPAAPRPVVEVTAVTHRRQPVYHTIIPASREHLLLGGIAREAVLLQTVRQNVPTVK
NVHLTPGGSCRYHAVISIEKKHEGEAKRAIDAAFNSSSEVKHVVVVDHEINIFDPEEVEWAVATRCQPGRDVTIFKDARG
NRLDPSSRDGVSDKMGIDATIPLNLPGERFERISIPGLDKIKLADYLE
;
_entity_poly.pdbx_strand_id   B,A
#
loop_
_chem_comp.id
_chem_comp.type
_chem_comp.name
_chem_comp.formula
4LU non-polymer '1-deoxy-5-O-phosphono-1-(3,3,4,5-tetramethyl-9,11-dioxo-2,3,8,9,10,11-hexahydro-7H-quinolino[1,8-fg]pteridin-12-ium-7-y l)-D-ribitol' 'C22 H30 N4 O9 P 1'
CA non-polymer 'CALCIUM ION' 'Ca 2'
K non-polymer 'POTASSIUM ION' 'K 1'
MN non-polymer 'MANGANESE (II) ION' 'Mn 2'
#
# COMPACT_ATOMS: atom_id res chain seq x y z
N SER A 2 -33.19 4.98 20.23
CA SER A 2 -32.38 3.75 20.60
C SER A 2 -31.80 3.08 19.31
N HIS A 3 -30.48 3.19 19.13
CA HIS A 3 -29.72 2.71 17.94
C HIS A 3 -30.19 3.36 16.63
N SER A 4 -30.21 4.67 16.74
CA SER A 4 -30.54 5.62 15.71
C SER A 4 -29.25 6.24 15.19
N LEU A 5 -29.38 6.95 14.07
CA LEU A 5 -28.29 7.76 13.58
C LEU A 5 -27.85 8.76 14.70
N ARG A 6 -28.79 9.40 15.38
CA ARG A 6 -28.44 10.37 16.44
C ARG A 6 -27.57 9.81 17.56
N GLU A 7 -27.88 8.61 18.01
CA GLU A 7 -26.97 7.95 18.96
C GLU A 7 -25.62 7.64 18.35
N TRP A 8 -25.59 7.20 17.10
CA TRP A 8 -24.33 6.94 16.45
C TRP A 8 -23.52 8.20 16.39
N LEU A 9 -24.13 9.33 16.04
CA LEU A 9 -23.36 10.58 16.02
C LEU A 9 -22.83 10.97 17.45
N ALA A 10 -23.60 10.65 18.49
CA ALA A 10 -23.14 10.85 19.87
C ALA A 10 -21.91 9.99 20.19
N PHE A 11 -21.98 8.71 19.87
CA PHE A 11 -20.81 7.80 19.95
C PHE A 11 -19.58 8.34 19.21
N LEU A 12 -19.76 8.88 18.00
CA LEU A 12 -18.60 9.42 17.26
C LEU A 12 -18.04 10.69 17.93
N GLU A 13 -18.92 11.57 18.43
CA GLU A 13 -18.50 12.82 19.06
C GLU A 13 -17.60 12.58 20.30
N GLY A 14 -18.05 11.69 21.18
CA GLY A 14 -17.30 11.33 22.38
C GLY A 14 -16.02 10.54 22.13
N LYS A 15 -15.84 10.06 20.90
CA LYS A 15 -14.62 9.43 20.46
C LYS A 15 -13.73 10.40 19.68
N GLY A 16 -14.07 11.70 19.62
CA GLY A 16 -13.38 12.69 18.75
C GLY A 16 -13.30 12.37 17.24
N LYS A 17 -14.34 11.74 16.66
CA LYS A 17 -14.39 11.37 15.25
C LYS A 17 -15.56 12.02 14.52
N LEU A 18 -16.11 13.07 15.11
CA LEU A 18 -17.09 13.90 14.47
C LEU A 18 -16.64 15.33 14.61
N LYS A 19 -16.49 16.03 13.49
CA LYS A 19 -16.20 17.44 13.51
C LYS A 19 -17.36 18.15 12.89
N ARG A 20 -17.70 19.31 13.43
CA ARG A 20 -18.74 20.13 12.87
C ARG A 20 -18.14 21.19 11.98
N VAL A 21 -18.89 21.59 10.98
CA VAL A 21 -18.50 22.61 10.05
C VAL A 21 -19.57 23.68 10.10
N ARG A 22 -19.25 24.76 10.82
CA ARG A 22 -20.15 25.89 11.09
C ARG A 22 -20.19 26.88 9.95
N LYS A 23 -19.14 26.94 9.11
CA LYS A 23 -19.18 27.85 7.95
C LYS A 23 -20.06 27.29 6.88
N GLU A 24 -20.77 28.18 6.20
CA GLU A 24 -21.70 27.83 5.16
C GLU A 24 -20.99 27.09 4.02
N VAL A 25 -21.60 26.03 3.51
CA VAL A 25 -21.06 25.24 2.38
C VAL A 25 -22.10 25.11 1.30
N ASP A 26 -21.69 25.02 0.06
CA ASP A 26 -22.62 24.77 -1.05
C ASP A 26 -22.85 23.25 -1.19
N PRO A 27 -24.11 22.79 -1.25
CA PRO A 27 -24.33 21.36 -1.57
C PRO A 27 -23.83 20.92 -2.96
N VAL A 28 -23.72 21.87 -3.90
CA VAL A 28 -23.14 21.64 -5.21
C VAL A 28 -21.62 21.63 -5.05
N PHE A 29 -21.04 20.42 -5.11
CA PHE A 29 -19.57 20.15 -5.06
C PHE A 29 -18.82 20.37 -3.75
N GLU A 30 -19.16 21.38 -2.99
CA GLU A 30 -18.31 21.68 -1.83
C GLU A 30 -18.42 20.65 -0.72
N ILE A 31 -19.61 20.10 -0.48
CA ILE A 31 -19.75 19.06 0.55
C ILE A 31 -18.87 17.88 0.20
N ALA A 32 -18.85 17.49 -1.08
CA ALA A 32 -18.07 16.34 -1.49
C ALA A 32 -16.61 16.64 -1.38
N ALA A 33 -16.23 17.84 -1.78
CA ALA A 33 -14.83 18.24 -1.74
C ALA A 33 -14.30 18.32 -0.31
N LEU A 34 -15.06 18.89 0.60
CA LEU A 34 -14.64 18.89 1.98
C LEU A 34 -14.70 17.50 2.58
N GLY A 35 -15.75 16.75 2.22
CA GLY A 35 -15.85 15.35 2.67
C GLY A 35 -14.70 14.46 2.27
N LYS A 36 -14.15 14.67 1.07
CA LYS A 36 -13.03 13.89 0.57
C LYS A 36 -11.77 14.14 1.38
N GLN A 37 -11.58 15.34 1.91
CA GLN A 37 -10.41 15.61 2.74
C GLN A 37 -10.53 14.99 4.12
N ALA A 38 -11.75 14.65 4.56
CA ALA A 38 -11.91 13.97 5.85
C ALA A 38 -12.02 12.45 5.70
N ASP A 39 -11.99 11.94 4.47
CA ASP A 39 -12.28 10.54 4.15
C ASP A 39 -11.35 9.66 4.96
N GLY A 40 -11.91 8.74 5.74
CA GLY A 40 -11.09 7.88 6.59
C GLY A 40 -10.53 8.49 7.87
N ILE A 41 -10.71 9.79 8.14
CA ILE A 41 -10.19 10.36 9.40
C ILE A 41 -11.35 10.67 10.33
N CYS A 42 -12.36 11.39 9.84
CA CYS A 42 -13.53 11.66 10.64
C CYS A 42 -14.80 11.99 9.85
N SER A 43 -15.94 11.83 10.52
CA SER A 43 -17.24 12.19 10.02
C SER A 43 -17.39 13.70 10.10
N LEU A 44 -18.11 14.27 9.14
CA LEU A 44 -18.37 15.69 9.14
C LEU A 44 -19.85 16.01 9.15
N LEU A 45 -20.24 16.91 10.08
CA LEU A 45 -21.57 17.43 10.15
C LEU A 45 -21.58 18.88 9.66
N PHE A 46 -22.18 19.13 8.48
CA PHE A 46 -22.31 20.46 7.91
C PHE A 46 -23.53 21.20 8.44
N GLU A 47 -23.29 22.11 9.40
CA GLU A 47 -24.39 22.80 10.14
C GLU A 47 -25.06 23.89 9.36
N ARG A 48 -24.43 24.35 8.29
CA ARG A 48 -25.02 25.43 7.47
C ARG A 48 -24.79 25.10 6.01
N VAL A 49 -25.86 24.63 5.35
CA VAL A 49 -25.81 24.29 3.96
C VAL A 49 -26.64 25.32 3.23
N LYS A 50 -26.03 25.95 2.25
CA LYS A 50 -26.59 27.08 1.57
C LYS A 50 -27.93 26.72 1.03
N GLY A 51 -28.96 27.40 1.54
CA GLY A 51 -30.33 27.25 1.07
C GLY A 51 -31.22 26.44 1.95
N TYR A 52 -30.72 25.96 3.08
CA TYR A 52 -31.43 24.94 3.88
C TYR A 52 -31.23 25.10 5.39
N ALA A 53 -32.27 24.79 6.16
CA ALA A 53 -32.18 24.61 7.62
C ALA A 53 -31.62 23.23 8.00
N VAL A 54 -31.69 22.27 7.09
CA VAL A 54 -31.30 20.89 7.39
C VAL A 54 -29.76 20.73 7.28
N PRO A 55 -29.09 20.20 8.31
CA PRO A 55 -27.68 19.82 8.16
C PRO A 55 -27.47 18.52 7.36
N VAL A 56 -26.23 18.32 6.90
CA VAL A 56 -25.82 17.16 6.16
C VAL A 56 -24.70 16.49 6.93
N VAL A 57 -24.78 15.17 7.08
CA VAL A 57 -23.70 14.40 7.70
C VAL A 57 -23.12 13.44 6.67
N THR A 58 -21.82 13.25 6.69
CA THR A 58 -21.16 12.29 5.80
C THR A 58 -20.02 11.58 6.57
N GLY A 59 -19.66 10.39 6.11
CA GLY A 59 -18.54 9.61 6.62
C GLY A 59 -18.80 9.04 8.01
N LEU A 60 -19.97 8.41 8.20
CA LEU A 60 -20.40 7.87 9.52
C LEU A 60 -19.45 6.78 10.06
N ALA A 61 -18.87 6.02 9.15
CA ALA A 61 -17.82 5.10 9.42
C ALA A 61 -16.92 5.00 8.17
N GLY A 62 -15.61 5.16 8.35
CA GLY A 62 -14.65 5.14 7.25
C GLY A 62 -13.47 4.20 7.46
N ASP A 63 -13.64 3.25 8.37
CA ASP A 63 -12.60 2.29 8.69
C ASP A 63 -13.24 1.12 9.36
N ARG A 64 -12.52 0.01 9.38
N ARG A 64 -12.52 0.00 9.38
CA ARG A 64 -13.04 -1.24 9.88
CA ARG A 64 -13.02 -1.25 9.95
C ARG A 64 -13.33 -1.25 11.41
C ARG A 64 -13.35 -1.23 11.43
N GLU A 65 -12.62 -0.41 12.17
CA GLU A 65 -12.81 -0.28 13.63
C GLU A 65 -14.23 0.28 13.91
N LEU A 66 -14.63 1.35 13.22
CA LEU A 66 -15.96 1.90 13.38
C LEU A 66 -17.07 1.00 12.90
N PHE A 67 -16.90 0.30 11.78
CA PHE A 67 -17.96 -0.65 11.43
C PHE A 67 -18.08 -1.77 12.42
N ALA A 68 -16.95 -2.19 13.01
CA ALA A 68 -16.99 -3.22 14.07
C ALA A 68 -17.73 -2.68 15.28
N ALA A 69 -17.36 -1.51 15.76
CA ALA A 69 -18.15 -0.83 16.81
C ALA A 69 -19.68 -0.74 16.48
N ALA A 70 -20.04 -0.39 15.24
CA ALA A 70 -21.46 -0.34 14.87
C ALA A 70 -22.17 -1.68 15.05
N MET A 71 -21.44 -2.76 14.95
CA MET A 71 -21.99 -4.08 15.14
C MET A 71 -21.76 -4.62 16.59
N SER A 72 -21.18 -3.81 17.48
CA SER A 72 -20.79 -4.28 18.85
C SER A 72 -19.89 -5.54 18.84
N VAL A 73 -18.78 -5.47 18.10
CA VAL A 73 -17.78 -6.53 18.03
C VAL A 73 -16.40 -5.93 17.88
N PRO A 74 -15.39 -6.70 18.29
CA PRO A 74 -14.05 -6.28 17.86
C PRO A 74 -13.88 -6.62 16.35
N VAL A 75 -13.01 -5.89 15.68
CA VAL A 75 -12.70 -6.12 14.26
C VAL A 75 -12.53 -7.59 13.92
N GLU A 76 -11.80 -8.29 14.79
CA GLU A 76 -11.47 -9.71 14.63
C GLU A 76 -12.71 -10.52 14.43
N GLY A 77 -13.84 -10.14 15.04
CA GLY A 77 -15.07 -10.94 14.93
C GLY A 77 -16.13 -10.45 13.93
N MET A 78 -15.87 -9.30 13.34
CA MET A 78 -16.83 -8.60 12.41
C MET A 78 -17.42 -9.50 11.36
N LEU A 79 -16.58 -10.22 10.63
CA LEU A 79 -17.08 -11.00 9.52
C LEU A 79 -17.93 -12.14 9.94
N GLU A 80 -17.56 -12.78 11.06
CA GLU A 80 -18.33 -13.91 11.59
C GLU A 80 -19.62 -13.36 12.19
N LYS A 81 -19.56 -12.24 12.90
CA LYS A 81 -20.84 -11.66 13.40
C LYS A 81 -21.81 -11.35 12.24
N LEU A 82 -21.28 -10.83 11.13
CA LEU A 82 -22.14 -10.48 9.98
C LEU A 82 -22.70 -11.72 9.35
N ALA A 83 -21.89 -12.75 9.15
CA ALA A 83 -22.40 -14.02 8.54
C ALA A 83 -23.44 -14.75 9.41
N ALA A 84 -23.24 -14.67 10.72
CA ALA A 84 -24.23 -15.19 11.70
C ALA A 84 -25.56 -14.45 11.58
N ALA A 85 -25.52 -13.12 11.48
CA ALA A 85 -26.75 -12.36 11.25
C ALA A 85 -27.45 -12.71 9.93
N VAL A 86 -26.68 -12.95 8.88
CA VAL A 86 -27.28 -13.38 7.59
C VAL A 86 -27.90 -14.76 7.70
N GLU A 87 -27.22 -15.67 8.40
CA GLU A 87 -27.72 -17.05 8.56
C GLU A 87 -28.93 -17.09 9.48
N ASN A 88 -28.91 -16.28 10.54
CA ASN A 88 -29.98 -16.28 11.56
C ASN A 88 -30.67 -14.92 11.74
N PRO A 89 -31.53 -14.55 10.79
CA PRO A 89 -32.22 -13.28 10.95
C PRO A 89 -33.19 -13.30 12.12
N VAL A 90 -33.54 -12.11 12.61
CA VAL A 90 -34.34 -11.93 13.82
C VAL A 90 -35.52 -11.04 13.45
N PRO A 91 -36.76 -11.42 13.82
CA PRO A 91 -37.85 -10.56 13.38
C PRO A 91 -37.77 -9.10 13.87
N CYS A 92 -38.31 -8.20 13.05
CA CYS A 92 -38.52 -6.81 13.42
C CYS A 92 -39.83 -6.69 14.20
N ARG A 93 -39.97 -5.60 14.93
CA ARG A 93 -41.17 -5.28 15.66
C ARG A 93 -41.93 -4.17 14.93
N LEU A 94 -43.18 -4.44 14.54
CA LEU A 94 -44.07 -3.37 14.06
C LEU A 94 -44.57 -2.56 15.26
N VAL A 95 -44.69 -1.26 15.08
CA VAL A 95 -44.86 -0.32 16.16
C VAL A 95 -45.88 0.69 15.69
N SER A 96 -46.51 1.38 16.63
CA SER A 96 -47.55 2.33 16.33
C SER A 96 -46.93 3.57 15.67
N PRO A 97 -47.63 4.20 14.71
CA PRO A 97 -47.20 5.50 14.18
C PRO A 97 -47.18 6.64 15.17
N ASP A 98 -47.97 6.55 16.25
CA ASP A 98 -48.02 7.60 17.28
C ASP A 98 -46.74 7.57 18.10
N GLY A 99 -46.07 8.71 18.13
CA GLY A 99 -44.80 8.79 18.80
C GLY A 99 -43.59 8.31 18.01
N ALA A 100 -43.76 7.67 16.83
CA ALA A 100 -42.59 7.22 16.01
C ALA A 100 -41.86 8.46 15.51
N PRO A 101 -40.58 8.56 15.77
CA PRO A 101 -39.98 9.86 15.38
C PRO A 101 -40.11 10.24 13.90
N VAL A 102 -40.08 9.26 13.01
CA VAL A 102 -40.09 9.57 11.57
C VAL A 102 -41.47 10.05 11.08
N LYS A 103 -42.50 9.95 11.95
CA LYS A 103 -43.85 10.43 11.66
C LYS A 103 -44.19 11.84 12.17
N GLU A 104 -43.25 12.49 12.86
CA GLU A 104 -43.45 13.80 13.42
C GLU A 104 -43.96 14.83 12.39
N CYS A 105 -43.32 14.90 11.21
CA CYS A 105 -43.80 15.72 10.09
C CYS A 105 -44.11 14.84 8.89
N ILE A 106 -45.23 15.11 8.22
CA ILE A 106 -45.74 14.32 7.12
C ILE A 106 -46.16 15.30 6.05
N ILE A 107 -45.70 15.08 4.83
CA ILE A 107 -46.02 15.93 3.68
C ILE A 107 -46.58 15.01 2.62
N ARG A 108 -47.78 15.35 2.17
CA ARG A 108 -48.49 14.64 1.09
C ARG A 108 -48.80 15.44 -0.14
N GLU A 109 -48.62 16.76 -0.12
CA GLU A 109 -49.02 17.62 -1.24
C GLU A 109 -47.96 18.68 -1.51
N ASN A 110 -47.86 19.07 -2.78
CA ASN A 110 -46.88 20.07 -3.28
C ASN A 110 -45.43 19.67 -2.89
N ILE A 111 -45.08 18.44 -3.20
CA ILE A 111 -43.83 17.86 -2.72
C ILE A 111 -42.75 18.35 -3.65
N ASP A 112 -41.74 18.99 -3.08
CA ASP A 112 -40.56 19.43 -3.82
C ASP A 112 -39.31 19.00 -3.06
N LEU A 113 -38.66 17.92 -3.54
CA LEU A 113 -37.58 17.29 -2.78
C LEU A 113 -36.38 18.24 -2.63
N LEU A 114 -35.95 18.85 -3.72
CA LEU A 114 -34.86 19.83 -3.67
C LEU A 114 -35.11 21.05 -2.83
N LYS A 115 -36.36 21.47 -2.69
CA LYS A 115 -36.67 22.57 -1.74
C LYS A 115 -36.54 22.11 -0.29
N MET A 116 -36.98 20.89 0.03
CA MET A 116 -36.98 20.42 1.42
C MET A 116 -35.60 19.96 1.91
N LEU A 117 -34.82 19.35 1.00
CA LEU A 117 -33.67 18.57 1.41
C LEU A 117 -32.40 18.97 0.71
N PRO A 118 -31.33 19.07 1.48
CA PRO A 118 -30.04 19.51 0.94
C PRO A 118 -29.31 18.41 0.17
N ILE A 119 -29.87 17.99 -0.95
CA ILE A 119 -29.36 16.86 -1.64
C ILE A 119 -28.17 17.34 -2.44
N PRO A 120 -26.97 16.77 -2.17
CA PRO A 120 -25.77 17.25 -2.84
C PRO A 120 -25.61 16.83 -4.27
N THR A 121 -24.77 17.58 -4.98
CA THR A 121 -24.22 17.18 -6.27
C THR A 121 -22.74 16.84 -5.98
N HIS A 122 -22.32 15.63 -6.29
CA HIS A 122 -21.07 15.12 -5.72
C HIS A 122 -19.81 15.36 -6.59
N HIS A 123 -19.81 14.87 -7.82
CA HIS A 123 -18.68 14.95 -8.75
C HIS A 123 -19.07 15.78 -10.00
N ALA A 124 -18.03 16.33 -10.66
CA ALA A 124 -18.12 17.15 -11.88
C ALA A 124 -19.04 16.61 -12.97
N GLY A 125 -18.82 15.39 -13.38
CA GLY A 125 -19.67 14.79 -14.43
C GLY A 125 -21.09 14.39 -14.07
N ASP A 126 -21.54 14.60 -12.82
CA ASP A 126 -22.85 14.11 -12.38
C ASP A 126 -24.01 14.90 -13.07
N ALA A 127 -25.06 14.20 -13.46
CA ALA A 127 -26.23 14.83 -14.09
C ALA A 127 -27.03 15.79 -13.22
N GLY A 128 -26.94 15.68 -11.90
CA GLY A 128 -27.54 16.67 -11.00
C GLY A 128 -27.39 16.17 -9.56
N PRO A 129 -28.27 16.62 -8.64
CA PRO A 129 -28.24 16.14 -7.28
C PRO A 129 -28.61 14.66 -7.20
N TYR A 130 -27.91 13.91 -6.34
CA TYR A 130 -28.18 12.48 -6.14
C TYR A 130 -28.39 12.15 -4.70
N ILE A 131 -29.41 11.35 -4.43
CA ILE A 131 -29.62 10.73 -3.10
C ILE A 131 -28.79 9.45 -3.13
N THR A 132 -27.81 9.34 -2.25
CA THR A 132 -26.85 8.24 -2.25
C THR A 132 -26.85 7.39 -1.02
N ALA A 133 -27.64 7.72 0.00
CA ALA A 133 -27.63 6.94 1.24
C ALA A 133 -28.97 6.49 1.68
N ALA A 134 -29.91 6.33 0.74
CA ALA A 134 -31.23 5.85 1.07
C ALA A 134 -31.26 4.36 0.95
N ILE A 135 -31.73 3.68 2.01
CA ILE A 135 -32.11 2.30 1.87
C ILE A 135 -33.49 2.21 1.21
N LEU A 136 -33.64 1.32 0.24
CA LEU A 136 -34.86 1.18 -0.55
C LEU A 136 -35.51 -0.14 -0.10
N ILE A 137 -36.68 -0.04 0.54
CA ILE A 137 -37.43 -1.17 1.04
C ILE A 137 -38.58 -1.46 0.07
N ALA A 138 -38.69 -2.71 -0.38
CA ALA A 138 -39.79 -3.13 -1.24
C ALA A 138 -40.22 -4.59 -0.98
N ARG A 139 -41.43 -4.95 -1.44
CA ARG A 139 -41.87 -6.35 -1.38
C ARG A 139 -42.13 -6.97 -2.76
N ASP A 140 -41.88 -8.30 -2.86
CA ASP A 140 -42.12 -9.03 -4.10
C ASP A 140 -43.64 -9.05 -4.31
N PRO A 141 -44.12 -8.50 -5.43
CA PRO A 141 -45.55 -8.42 -5.62
C PRO A 141 -46.28 -9.80 -5.78
N ASP A 142 -45.56 -10.89 -6.07
CA ASP A 142 -46.16 -12.26 -6.10
C ASP A 142 -45.84 -13.10 -4.86
N SER A 143 -44.59 -13.17 -4.41
CA SER A 143 -44.21 -13.97 -3.24
C SER A 143 -44.32 -13.22 -1.88
N GLY A 144 -44.42 -11.90 -1.92
CA GLY A 144 -44.52 -11.06 -0.72
C GLY A 144 -43.28 -10.85 0.15
N VAL A 145 -42.16 -11.46 -0.18
CA VAL A 145 -40.92 -11.26 0.58
C VAL A 145 -40.37 -9.81 0.48
N ARG A 146 -39.78 -9.37 1.59
CA ARG A 146 -39.21 -8.03 1.71
C ARG A 146 -37.72 -8.03 1.41
N ASN A 147 -37.29 -6.99 0.69
CA ASN A 147 -35.87 -6.76 0.37
C ASN A 147 -35.48 -5.32 0.67
N VAL A 148 -34.21 -5.12 0.99
CA VAL A 148 -33.60 -3.83 1.18
C VAL A 148 -32.33 -3.79 0.32
N SER A 149 -32.10 -2.67 -0.37
CA SER A 149 -30.89 -2.38 -1.13
C SER A 149 -30.70 -0.86 -1.24
N ILE A 150 -29.52 -0.43 -1.66
CA ILE A 150 -29.23 0.99 -1.83
C ILE A 150 -29.02 1.24 -3.32
N HIS A 151 -29.74 2.22 -3.83
CA HIS A 151 -29.68 2.63 -5.26
C HIS A 151 -29.48 4.14 -5.34
N ARG A 152 -28.63 4.58 -6.27
CA ARG A 152 -28.53 6.01 -6.52
C ARG A 152 -29.83 6.52 -7.12
N LEU A 153 -30.26 7.68 -6.68
CA LEU A 153 -31.51 8.29 -7.11
C LEU A 153 -31.23 9.70 -7.61
N GLN A 154 -31.42 9.92 -8.89
CA GLN A 154 -31.24 11.22 -9.51
C GLN A 154 -32.48 12.06 -9.26
N VAL A 155 -32.33 13.24 -8.73
CA VAL A 155 -33.46 14.13 -8.56
C VAL A 155 -33.74 14.76 -9.94
N THR A 156 -34.83 14.34 -10.58
CA THR A 156 -35.16 14.81 -11.92
C THR A 156 -36.35 15.80 -11.97
N GLY A 157 -37.12 15.90 -10.89
CA GLY A 157 -38.12 16.94 -10.73
C GLY A 157 -38.59 16.99 -9.29
N PRO A 158 -39.58 17.85 -8.97
CA PRO A 158 -39.99 18.08 -7.56
C PRO A 158 -40.39 16.77 -6.81
N ASP A 159 -40.96 15.84 -7.54
CA ASP A 159 -41.52 14.61 -7.00
C ASP A 159 -41.14 13.41 -7.90
N ARG A 160 -39.99 13.48 -8.55
CA ARG A 160 -39.59 12.46 -9.48
C ARG A 160 -38.12 12.12 -9.29
N LEU A 161 -37.78 10.83 -9.36
CA LEU A 161 -36.40 10.36 -9.25
C LEU A 161 -36.10 9.34 -10.33
N GLY A 162 -34.89 9.39 -10.88
CA GLY A 162 -34.37 8.31 -11.75
C GLY A 162 -33.58 7.33 -10.89
N ILE A 163 -33.67 6.07 -11.21
CA ILE A 163 -33.07 5.05 -10.36
C ILE A 163 -32.30 4.07 -11.22
N LEU A 164 -31.06 3.80 -10.84
CA LEU A 164 -30.29 2.73 -11.40
C LEU A 164 -30.63 1.46 -10.62
N ILE A 165 -31.21 0.47 -11.29
CA ILE A 165 -31.44 -0.84 -10.70
C ILE A 165 -30.60 -1.91 -11.46
N LEU A 166 -29.56 -2.42 -10.81
CA LEU A 166 -28.80 -3.56 -11.33
C LEU A 166 -29.62 -4.85 -11.25
N PRO A 167 -29.28 -5.87 -12.08
CA PRO A 167 -30.12 -7.08 -12.16
C PRO A 167 -29.94 -8.05 -10.96
N ARG A 168 -30.55 -7.66 -9.82
CA ARG A 168 -30.44 -8.34 -8.52
C ARG A 168 -31.88 -8.41 -7.95
N HIS A 169 -32.11 -8.29 -6.63
CA HIS A 169 -33.46 -8.54 -6.12
C HIS A 169 -34.54 -7.52 -6.48
N LEU A 170 -34.24 -6.22 -6.36
CA LEU A 170 -35.25 -5.24 -6.68
C LEU A 170 -35.69 -5.35 -8.16
N TRP A 171 -34.76 -5.61 -9.04
CA TRP A 171 -35.04 -5.84 -10.45
C TRP A 171 -36.02 -6.98 -10.68
N HIS A 172 -35.78 -8.09 -9.99
CA HIS A 172 -36.68 -9.19 -10.00
C HIS A 172 -38.07 -8.77 -9.59
N PHE A 173 -38.20 -8.03 -8.49
CA PHE A 173 -39.50 -7.56 -8.03
C PHE A 173 -40.15 -6.62 -9.05
N PHE A 174 -39.37 -5.69 -9.59
CA PHE A 174 -39.90 -4.67 -10.47
C PHE A 174 -40.36 -5.35 -11.78
N GLY A 175 -39.58 -6.31 -12.27
CA GLY A 175 -39.97 -7.17 -13.41
C GLY A 175 -41.37 -7.68 -13.29
N LYS A 176 -41.68 -8.24 -12.12
CA LYS A 176 -42.99 -8.82 -11.84
C LYS A 176 -44.08 -7.79 -11.78
N ALA A 177 -43.80 -6.61 -11.22
CA ALA A 177 -44.79 -5.54 -11.17
C ALA A 177 -45.10 -5.04 -12.59
N GLU A 178 -44.10 -4.93 -13.43
CA GLU A 178 -44.37 -4.36 -14.75
C GLU A 178 -44.97 -5.34 -15.78
N ARG A 179 -44.75 -6.65 -15.63
CA ARG A 179 -45.56 -7.65 -16.37
C ARG A 179 -47.03 -7.64 -16.03
N ALA A 180 -47.38 -7.32 -14.81
CA ALA A 180 -48.79 -7.09 -14.41
C ALA A 180 -49.33 -5.69 -14.73
N GLY A 181 -48.52 -4.81 -15.32
CA GLY A 181 -48.91 -3.42 -15.58
C GLY A 181 -49.14 -2.54 -14.36
N ARG A 182 -48.57 -2.93 -13.21
CA ARG A 182 -48.76 -2.25 -11.92
C ARG A 182 -47.48 -1.50 -11.47
N PRO A 183 -47.60 -0.43 -10.68
CA PRO A 183 -46.34 0.09 -10.12
C PRO A 183 -45.80 -0.83 -9.01
N LEU A 184 -44.51 -0.72 -8.72
CA LEU A 184 -43.90 -1.32 -7.52
C LEU A 184 -43.77 -0.26 -6.44
N GLU A 185 -44.50 -0.45 -5.36
CA GLU A 185 -44.47 0.43 -4.21
C GLU A 185 -43.14 0.25 -3.46
N ILE A 186 -42.54 1.37 -3.06
CA ILE A 186 -41.26 1.36 -2.36
C ILE A 186 -41.24 2.39 -1.31
N ALA A 187 -40.29 2.23 -0.40
CA ALA A 187 -39.92 3.30 0.49
C ALA A 187 -38.43 3.47 0.64
N LEU A 188 -38.02 4.72 0.80
CA LEU A 188 -36.67 5.09 0.90
C LEU A 188 -36.48 5.64 2.31
N ALA A 189 -35.51 5.12 3.05
CA ALA A 189 -35.17 5.68 4.36
C ALA A 189 -33.73 6.17 4.41
N ILE A 190 -33.54 7.38 4.93
CA ILE A 190 -32.30 8.06 4.99
C ILE A 190 -32.04 8.45 6.44
N GLY A 191 -30.82 8.21 6.92
CA GLY A 191 -30.48 8.62 8.26
C GLY A 191 -30.78 7.49 9.21
N VAL A 192 -30.07 6.40 9.02
CA VAL A 192 -30.20 5.24 9.87
C VAL A 192 -28.87 4.86 10.48
N HIS A 193 -28.93 4.00 11.45
CA HIS A 193 -27.75 3.51 12.09
C HIS A 193 -26.91 2.75 11.05
N PRO A 194 -25.57 2.86 11.11
CA PRO A 194 -24.73 2.09 10.19
C PRO A 194 -24.92 0.59 10.12
N ALA A 195 -25.37 -0.05 11.20
CA ALA A 195 -25.67 -1.48 11.14
C ALA A 195 -26.78 -1.76 10.13
N VAL A 196 -27.74 -0.84 10.04
CA VAL A 196 -28.84 -1.03 9.10
C VAL A 196 -28.36 -0.90 7.60
N LEU A 197 -27.42 0.05 7.38
CA LEU A 197 -26.83 0.31 6.09
C LEU A 197 -25.97 -0.87 5.68
N LEU A 198 -25.20 -1.37 6.64
CA LEU A 198 -24.40 -2.55 6.45
C LEU A 198 -25.27 -3.75 6.12
N ALA A 199 -26.36 -3.93 6.86
CA ALA A 199 -27.31 -5.02 6.50
C ALA A 199 -27.93 -4.93 5.11
N SER A 200 -28.13 -3.72 4.60
CA SER A 200 -28.69 -3.55 3.25
C SER A 200 -27.80 -4.04 2.14
N GLN A 201 -26.51 -4.25 2.43
CA GLN A 201 -25.53 -4.75 1.48
C GLN A 201 -25.33 -6.27 1.51
N ALA A 202 -26.01 -6.99 2.39
CA ALA A 202 -26.00 -8.45 2.30
C ALA A 202 -26.52 -8.98 0.96
N THR A 203 -25.73 -9.90 0.43
CA THR A 203 -26.03 -10.66 -0.76
C THR A 203 -26.48 -12.00 -0.22
N THR A 204 -27.74 -12.30 -0.47
CA THR A 204 -28.36 -13.51 0.01
C THR A 204 -29.12 -14.18 -1.13
N ARG A 205 -29.63 -15.38 -0.83
CA ARG A 205 -30.52 -16.07 -1.76
C ARG A 205 -31.85 -15.27 -1.74
N LEU A 206 -32.73 -15.60 -2.69
CA LEU A 206 -33.79 -14.69 -3.10
C LEU A 206 -34.80 -14.17 -2.04
N GLY A 207 -35.01 -14.90 -0.94
CA GLY A 207 -36.03 -14.49 0.06
C GLY A 207 -35.66 -14.21 1.52
N VAL A 208 -34.55 -13.52 1.79
CA VAL A 208 -34.22 -13.16 3.19
C VAL A 208 -34.20 -11.64 3.33
N ASP A 209 -34.91 -11.21 4.34
CA ASP A 209 -35.28 -9.84 4.56
C ASP A 209 -34.09 -9.17 5.23
N GLU A 210 -33.44 -8.23 4.51
CA GLU A 210 -32.31 -7.55 5.13
C GLU A 210 -32.68 -6.72 6.36
N LEU A 211 -33.91 -6.31 6.52
CA LEU A 211 -34.29 -5.64 7.81
C LEU A 211 -34.15 -6.59 9.04
N GLU A 212 -34.39 -7.88 8.81
CA GLU A 212 -34.21 -8.93 9.85
C GLU A 212 -32.76 -9.22 10.11
N ILE A 213 -31.91 -9.05 9.09
CA ILE A 213 -30.49 -9.07 9.28
C ILE A 213 -30.06 -7.91 10.17
N ALA A 214 -30.55 -6.73 9.87
CA ALA A 214 -30.24 -5.57 10.69
C ALA A 214 -30.68 -5.80 12.15
N SER A 215 -31.86 -6.33 12.33
CA SER A 215 -32.38 -6.69 13.67
C SER A 215 -31.41 -7.60 14.44
N ALA A 216 -30.89 -8.65 13.81
CA ALA A 216 -29.85 -9.48 14.43
C ALA A 216 -28.56 -8.76 14.81
N LEU A 217 -28.21 -7.69 14.10
CA LEU A 217 -26.94 -7.00 14.38
C LEU A 217 -27.09 -5.99 15.48
N LEU A 218 -28.32 -5.54 15.70
CA LEU A 218 -28.56 -4.52 16.68
C LEU A 218 -28.78 -5.17 18.05
N PRO A 219 -28.61 -4.38 19.13
CA PRO A 219 -28.82 -4.93 20.49
C PRO A 219 -30.27 -5.33 20.77
N GLN A 220 -31.25 -4.58 20.27
CA GLN A 220 -32.68 -4.94 20.32
C GLN A 220 -33.30 -4.92 18.91
N PRO A 221 -34.41 -5.66 18.71
CA PRO A 221 -35.04 -5.68 17.38
C PRO A 221 -35.37 -4.30 16.81
N LEU A 222 -35.21 -4.20 15.51
CA LEU A 222 -35.44 -2.95 14.81
C LEU A 222 -36.95 -2.68 14.77
N GLU A 223 -37.34 -1.48 15.10
CA GLU A 223 -38.71 -1.08 15.13
C GLU A 223 -39.11 -0.45 13.78
N LEU A 224 -40.21 -0.98 13.21
CA LEU A 224 -40.75 -0.53 11.96
C LEU A 224 -42.11 0.05 12.15
N VAL A 225 -42.48 0.89 11.20
CA VAL A 225 -43.79 1.51 11.16
C VAL A 225 -44.30 1.48 9.70
N LYS A 226 -45.61 1.50 9.53
CA LYS A 226 -46.22 1.50 8.21
C LYS A 226 -46.11 2.86 7.59
N CYS A 227 -45.92 2.88 6.27
CA CYS A 227 -45.94 4.09 5.46
C CYS A 227 -47.33 4.65 5.32
N GLU A 228 -47.42 5.93 5.02
CA GLU A 228 -48.71 6.62 4.81
C GLU A 228 -49.41 6.22 3.53
N THR A 229 -48.69 6.22 2.41
CA THR A 229 -49.32 6.14 1.06
C THR A 229 -48.98 4.89 0.30
N VAL A 230 -48.18 4.00 0.89
CA VAL A 230 -47.83 2.75 0.25
C VAL A 230 -47.78 1.66 1.29
N ASP A 231 -47.94 0.42 0.85
CA ASP A 231 -47.99 -0.74 1.71
C ASP A 231 -46.59 -1.32 1.95
N VAL A 232 -45.79 -0.56 2.68
CA VAL A 232 -44.40 -0.85 2.92
C VAL A 232 -44.11 -0.48 4.38
N GLU A 233 -43.09 -1.09 4.94
CA GLU A 233 -42.64 -0.80 6.31
C GLU A 233 -41.29 -0.04 6.27
N VAL A 234 -41.09 0.90 7.19
CA VAL A 234 -39.83 1.68 7.26
C VAL A 234 -39.39 1.78 8.71
N PRO A 235 -38.08 2.02 8.96
CA PRO A 235 -37.61 2.18 10.34
C PRO A 235 -38.24 3.35 11.02
N ALA A 236 -38.80 3.08 12.20
CA ALA A 236 -39.50 4.12 13.02
C ALA A 236 -38.60 5.28 13.36
N GLY A 237 -37.34 4.95 13.63
CA GLY A 237 -36.34 5.93 14.03
C GLY A 237 -35.56 6.58 12.90
N ALA A 238 -35.88 6.34 11.63
CA ALA A 238 -35.13 6.97 10.50
C ALA A 238 -35.28 8.52 10.61
N GLU A 239 -34.43 9.29 9.93
CA GLU A 239 -34.53 10.73 9.93
C GLU A 239 -35.57 11.15 8.91
N ILE A 240 -35.54 10.53 7.75
CA ILE A 240 -36.35 10.93 6.62
C ILE A 240 -36.81 9.66 5.87
N VAL A 241 -38.07 9.66 5.44
CA VAL A 241 -38.63 8.60 4.58
C VAL A 241 -39.28 9.23 3.40
N ILE A 242 -38.96 8.68 2.23
CA ILE A 242 -39.56 9.14 0.98
C ILE A 242 -40.30 7.91 0.46
N GLU A 243 -41.61 8.06 0.32
CA GLU A 243 -42.52 7.01 -0.15
C GLU A 243 -42.84 7.20 -1.62
N GLY A 244 -43.00 6.11 -2.35
CA GLY A 244 -43.34 6.27 -3.74
C GLY A 244 -43.47 4.97 -4.49
N LYS A 245 -43.33 5.09 -5.79
CA LYS A 245 -43.48 3.89 -6.62
C LYS A 245 -42.65 3.99 -7.87
N ILE A 246 -42.12 2.86 -8.31
CA ILE A 246 -41.40 2.79 -9.55
C ILE A 246 -42.50 2.55 -10.62
N LEU A 247 -42.55 3.39 -11.64
CA LEU A 247 -43.64 3.40 -12.59
C LEU A 247 -43.47 2.30 -13.63
N PRO A 248 -44.56 1.54 -13.90
CA PRO A 248 -44.40 0.44 -14.89
C PRO A 248 -44.14 1.01 -16.31
N GLY A 249 -43.19 0.45 -17.04
CA GLY A 249 -42.90 0.85 -18.40
C GLY A 249 -42.09 2.13 -18.59
N VAL A 250 -42.22 3.10 -17.70
CA VAL A 250 -41.53 4.37 -17.90
C VAL A 250 -40.02 4.19 -17.87
N ARG A 251 -39.36 4.86 -18.81
CA ARG A 251 -37.91 4.89 -18.96
C ARG A 251 -37.53 6.29 -19.28
N GLU A 252 -36.70 6.89 -18.44
CA GLU A 252 -36.14 8.24 -18.68
C GLU A 252 -34.67 8.21 -18.40
N VAL A 253 -33.95 9.15 -18.99
CA VAL A 253 -32.53 9.15 -18.92
C VAL A 253 -32.06 9.46 -17.50
N GLU A 254 -31.29 8.53 -16.97
CA GLU A 254 -30.65 8.68 -15.64
C GLU A 254 -29.15 8.70 -15.88
N GLY A 255 -28.47 9.59 -15.21
CA GLY A 255 -27.03 9.63 -15.36
C GLY A 255 -26.53 10.71 -16.28
N PRO A 256 -25.21 10.83 -16.46
CA PRO A 256 -24.21 9.97 -15.81
C PRO A 256 -23.91 10.32 -14.35
N PHE A 257 -23.10 9.48 -13.72
CA PHE A 257 -22.80 9.63 -12.28
C PHE A 257 -21.41 9.11 -11.95
N GLY A 258 -20.66 9.84 -11.15
CA GLY A 258 -19.41 9.30 -10.56
C GLY A 258 -19.62 8.10 -9.60
N GLU A 259 -19.00 6.93 -9.92
CA GLU A 259 -19.29 5.67 -9.20
C GLU A 259 -18.09 5.11 -8.38
N TYR A 260 -18.32 3.98 -7.69
CA TYR A 260 -17.30 3.23 -6.83
C TYR A 260 -15.89 2.97 -7.43
N PRO A 261 -15.81 2.56 -8.74
CA PRO A 261 -14.45 2.28 -9.23
C PRO A 261 -13.68 3.56 -9.68
N ARG A 262 -14.19 4.77 -9.36
CA ARG A 262 -13.57 6.07 -9.70
C ARG A 262 -13.65 6.36 -11.23
N TYR A 263 -14.72 5.86 -11.86
CA TYR A 263 -15.13 6.24 -13.24
C TYR A 263 -16.61 6.64 -13.26
N TYR A 264 -16.97 7.32 -14.35
CA TYR A 264 -18.33 7.68 -14.57
C TYR A 264 -19.16 6.46 -15.02
N GLY A 265 -20.29 6.23 -14.34
CA GLY A 265 -21.36 5.39 -14.84
C GLY A 265 -22.09 6.12 -15.98
N PRO A 266 -22.22 5.50 -17.16
CA PRO A 266 -22.83 6.21 -18.29
C PRO A 266 -24.37 6.41 -18.16
N ALA A 267 -24.85 7.49 -18.77
CA ALA A 267 -26.24 7.80 -18.94
C ALA A 267 -26.97 6.78 -19.83
N ALA A 268 -28.20 6.45 -19.45
CA ALA A 268 -29.10 5.63 -20.26
C ALA A 268 -30.56 5.75 -19.78
N PRO A 269 -31.53 5.29 -20.61
CA PRO A 269 -32.94 5.23 -20.16
C PRO A 269 -33.19 4.17 -19.08
N ARG A 270 -33.78 4.59 -17.95
CA ARG A 270 -33.91 3.76 -16.75
C ARG A 270 -35.22 4.03 -16.01
N PRO A 271 -35.53 3.19 -14.98
CA PRO A 271 -36.79 3.41 -14.34
C PRO A 271 -36.89 4.70 -13.61
N VAL A 272 -38.12 5.01 -13.21
CA VAL A 272 -38.45 6.29 -12.62
C VAL A 272 -39.34 6.04 -11.39
N VAL A 273 -39.08 6.77 -10.33
CA VAL A 273 -39.85 6.72 -9.13
C VAL A 273 -40.63 8.02 -9.06
N GLU A 274 -41.93 7.90 -8.87
CA GLU A 274 -42.81 9.02 -8.49
C GLU A 274 -42.95 9.02 -6.97
N VAL A 275 -42.74 10.16 -6.34
CA VAL A 275 -42.85 10.23 -4.89
C VAL A 275 -44.21 10.73 -4.47
N THR A 276 -44.84 9.97 -3.56
CA THR A 276 -46.19 10.23 -3.08
C THR A 276 -46.25 10.79 -1.66
N ALA A 277 -45.13 10.78 -0.94
CA ALA A 277 -45.06 11.41 0.37
C ALA A 277 -43.66 11.44 0.90
N VAL A 278 -43.42 12.37 1.83
CA VAL A 278 -42.20 12.50 2.55
C VAL A 278 -42.55 12.62 4.00
N THR A 279 -41.98 11.82 4.88
CA THR A 279 -42.13 12.01 6.34
C THR A 279 -40.76 12.14 6.98
N HIS A 280 -40.69 12.90 8.04
CA HIS A 280 -39.42 13.10 8.68
C HIS A 280 -39.56 13.45 10.12
N ARG A 281 -38.48 13.23 10.86
CA ARG A 281 -38.31 13.85 12.15
C ARG A 281 -38.37 15.38 12.06
N ARG A 282 -38.87 15.94 13.15
CA ARG A 282 -38.77 17.35 13.39
C ARG A 282 -37.27 17.66 13.41
N GLN A 283 -36.89 18.59 12.56
CA GLN A 283 -35.51 19.06 12.45
C GLN A 283 -34.58 17.88 12.11
N PRO A 284 -34.78 17.29 10.91
CA PRO A 284 -33.98 16.10 10.53
C PRO A 284 -32.53 16.39 10.17
N VAL A 285 -31.69 15.36 10.21
CA VAL A 285 -30.35 15.41 9.65
C VAL A 285 -30.30 14.57 8.37
N TYR A 286 -29.76 15.12 7.30
CA TYR A 286 -29.69 14.43 6.02
C TYR A 286 -28.27 13.78 5.93
N HIS A 287 -28.22 12.51 5.60
CA HIS A 287 -26.97 11.75 5.42
C HIS A 287 -26.67 11.55 3.93
N THR A 288 -25.46 11.86 3.51
CA THR A 288 -25.03 11.54 2.17
C THR A 288 -23.79 10.66 2.22
N ILE A 289 -23.66 9.76 1.25
CA ILE A 289 -22.46 8.97 1.10
C ILE A 289 -21.76 9.48 -0.13
N ILE A 290 -20.51 9.88 0.01
CA ILE A 290 -19.75 10.37 -1.13
C ILE A 290 -19.27 9.20 -1.95
N PRO A 291 -19.58 9.16 -3.25
CA PRO A 291 -19.19 7.92 -3.94
C PRO A 291 -17.70 7.71 -4.02
N ALA A 292 -17.33 6.45 -4.00
CA ALA A 292 -15.94 5.99 -3.89
C ALA A 292 -15.17 6.42 -2.62
N SER A 293 -15.82 6.97 -1.60
CA SER A 293 -15.22 7.21 -0.29
C SER A 293 -15.03 5.88 0.44
N ARG A 294 -14.29 5.91 1.52
CA ARG A 294 -14.10 4.73 2.38
C ARG A 294 -15.39 4.23 2.94
N GLU A 295 -16.31 5.15 3.28
CA GLU A 295 -17.64 4.78 3.71
C GLU A 295 -18.37 3.98 2.63
N HIS A 296 -18.32 4.45 1.39
CA HIS A 296 -18.95 3.75 0.30
C HIS A 296 -18.31 2.39 0.10
N LEU A 297 -16.99 2.38 -0.05
CA LEU A 297 -16.26 1.13 -0.32
C LEU A 297 -16.39 0.10 0.81
N LEU A 298 -16.30 0.52 2.06
CA LEU A 298 -16.40 -0.43 3.21
C LEU A 298 -17.80 -0.96 3.46
N LEU A 299 -18.83 -0.17 3.17
CA LEU A 299 -20.20 -0.67 3.38
C LEU A 299 -20.40 -1.91 2.55
N GLY A 300 -20.19 -1.82 1.26
CA GLY A 300 -20.27 -2.96 0.38
C GLY A 300 -19.19 -4.00 0.60
N GLY A 301 -17.97 -3.54 0.82
CA GLY A 301 -16.79 -4.41 1.00
C GLY A 301 -16.90 -5.41 2.16
N ILE A 302 -17.26 -4.91 3.32
CA ILE A 302 -17.44 -5.73 4.54
C ILE A 302 -18.50 -6.78 4.33
N ALA A 303 -19.61 -6.38 3.72
CA ALA A 303 -20.66 -7.33 3.42
C ALA A 303 -20.22 -8.38 2.43
N ARG A 304 -19.50 -7.99 1.39
CA ARG A 304 -19.01 -8.99 0.43
C ARG A 304 -17.92 -9.87 1.07
N GLU A 305 -17.07 -9.31 1.93
CA GLU A 305 -16.07 -10.11 2.62
C GLU A 305 -16.72 -11.20 3.52
N ALA A 306 -17.79 -10.87 4.22
CA ALA A 306 -18.48 -11.85 5.07
C ALA A 306 -18.97 -13.02 4.31
N VAL A 307 -19.60 -12.73 3.17
CA VAL A 307 -20.07 -13.78 2.27
C VAL A 307 -18.97 -14.57 1.66
N LEU A 308 -17.89 -13.88 1.22
CA LEU A 308 -16.75 -14.58 0.68
C LEU A 308 -16.07 -15.52 1.72
N LEU A 309 -15.86 -15.05 2.94
CA LEU A 309 -15.30 -15.91 4.02
C LEU A 309 -16.11 -17.21 4.19
N GLN A 310 -17.43 -17.08 4.29
CA GLN A 310 -18.30 -18.27 4.39
C GLN A 310 -18.17 -19.23 3.21
N THR A 311 -18.29 -18.72 2.01
CA THR A 311 -18.16 -19.56 0.81
C THR A 311 -16.85 -20.29 0.71
N VAL A 312 -15.78 -19.59 1.03
CA VAL A 312 -14.47 -20.18 0.97
C VAL A 312 -14.34 -21.21 2.10
N ARG A 313 -14.83 -20.90 3.31
CA ARG A 313 -14.76 -21.80 4.47
C ARG A 313 -15.46 -23.15 4.22
N GLN A 314 -16.59 -23.15 3.50
CA GLN A 314 -17.28 -24.37 3.06
C GLN A 314 -16.35 -25.38 2.40
N ASN A 315 -15.50 -24.91 1.49
CA ASN A 315 -14.63 -25.80 0.73
C ASN A 315 -13.22 -25.86 1.30
N VAL A 316 -12.84 -24.90 2.15
CA VAL A 316 -11.45 -24.79 2.62
C VAL A 316 -11.48 -24.38 4.08
N PRO A 317 -11.72 -25.37 4.96
CA PRO A 317 -11.92 -25.02 6.39
C PRO A 317 -10.68 -24.43 7.04
N THR A 318 -9.53 -24.62 6.44
CA THR A 318 -8.28 -23.99 6.91
C THR A 318 -8.14 -22.44 6.62
N VAL A 319 -9.08 -21.84 5.87
CA VAL A 319 -9.14 -20.38 5.71
C VAL A 319 -9.15 -19.64 7.05
N LYS A 320 -8.25 -18.69 7.25
CA LYS A 320 -8.27 -17.83 8.44
C LYS A 320 -8.99 -16.50 8.15
N ASN A 321 -8.72 -15.86 7.00
CA ASN A 321 -9.31 -14.52 6.73
C ASN A 321 -9.38 -14.20 5.24
N VAL A 322 -10.18 -13.21 4.93
CA VAL A 322 -10.31 -12.66 3.59
C VAL A 322 -10.35 -11.15 3.69
N HIS A 323 -9.82 -10.50 2.66
CA HIS A 323 -9.83 -9.06 2.48
C HIS A 323 -10.06 -8.73 0.99
N LEU A 324 -11.06 -7.90 0.74
CA LEU A 324 -11.24 -7.23 -0.57
C LEU A 324 -10.54 -5.90 -0.47
N THR A 325 -9.47 -5.76 -1.23
CA THR A 325 -8.58 -4.59 -1.13
C THR A 325 -9.17 -3.29 -1.69
N PRO A 326 -8.77 -2.16 -1.13
CA PRO A 326 -9.29 -0.87 -1.64
C PRO A 326 -8.88 -0.55 -3.07
N GLY A 327 -7.65 -0.89 -3.43
CA GLY A 327 -7.18 -0.92 -4.81
C GLY A 327 -8.16 -1.50 -5.81
N GLY A 328 -8.79 -2.61 -5.42
CA GLY A 328 -9.82 -3.27 -6.23
C GLY A 328 -11.22 -2.84 -5.98
N SER A 329 -11.38 -1.69 -5.33
CA SER A 329 -12.72 -1.13 -4.99
C SER A 329 -13.54 -2.00 -4.03
N CYS A 330 -12.84 -2.68 -3.13
CA CYS A 330 -13.43 -3.65 -2.20
C CYS A 330 -14.43 -4.53 -2.89
N ARG A 331 -13.97 -5.14 -3.98
CA ARG A 331 -14.83 -5.87 -4.89
C ARG A 331 -14.07 -6.78 -5.86
N TYR A 332 -13.06 -6.24 -6.56
CA TYR A 332 -12.45 -6.97 -7.67
C TYR A 332 -11.30 -7.86 -7.25
N HIS A 333 -10.55 -7.45 -6.21
CA HIS A 333 -9.34 -8.07 -5.77
C HIS A 333 -9.51 -8.67 -4.36
N ALA A 334 -9.21 -9.95 -4.22
CA ALA A 334 -9.29 -10.67 -2.94
C ALA A 334 -7.97 -11.24 -2.49
N VAL A 335 -7.68 -11.06 -1.21
CA VAL A 335 -6.54 -11.69 -0.55
C VAL A 335 -7.13 -12.68 0.46
N ILE A 336 -6.69 -13.94 0.38
CA ILE A 336 -7.20 -15.03 1.23
C ILE A 336 -6.00 -15.63 1.99
N SER A 337 -6.06 -15.62 3.31
CA SER A 337 -5.04 -16.25 4.15
C SER A 337 -5.54 -17.66 4.57
N ILE A 338 -4.69 -18.67 4.45
CA ILE A 338 -5.01 -20.02 4.91
C ILE A 338 -3.92 -20.54 5.83
N GLU A 339 -4.31 -21.39 6.77
CA GLU A 339 -3.32 -22.17 7.54
C GLU A 339 -3.23 -23.46 6.77
N LYS A 340 -2.30 -23.54 5.83
CA LYS A 340 -2.29 -24.64 4.88
C LYS A 340 -1.88 -25.99 5.52
N LYS A 341 -2.64 -27.06 5.24
CA LYS A 341 -2.31 -28.46 5.68
C LYS A 341 -1.90 -29.34 4.51
N HIS A 342 -2.60 -29.25 3.38
CA HIS A 342 -2.33 -30.11 2.20
C HIS A 342 -2.11 -29.24 1.00
N GLU A 343 -1.19 -29.63 0.11
CA GLU A 343 -1.07 -28.91 -1.14
C GLU A 343 -2.42 -29.10 -1.80
N GLY A 344 -2.80 -28.14 -2.64
CA GLY A 344 -4.13 -28.13 -3.25
C GLY A 344 -5.16 -27.21 -2.58
N GLU A 345 -4.91 -26.77 -1.37
CA GLU A 345 -5.79 -25.82 -0.69
C GLU A 345 -5.86 -24.43 -1.39
N ALA A 346 -4.77 -23.98 -2.02
CA ALA A 346 -4.73 -22.72 -2.70
C ALA A 346 -5.69 -22.71 -3.84
N LYS A 347 -5.59 -23.74 -4.71
CA LYS A 347 -6.51 -23.90 -5.85
C LYS A 347 -7.97 -23.97 -5.43
N ARG A 348 -8.25 -24.69 -4.35
CA ARG A 348 -9.62 -24.79 -3.85
C ARG A 348 -10.13 -23.46 -3.33
N ALA A 349 -9.30 -22.71 -2.59
CA ALA A 349 -9.72 -21.38 -2.10
C ALA A 349 -10.00 -20.48 -3.32
N ILE A 350 -9.13 -20.55 -4.32
CA ILE A 350 -9.31 -19.75 -5.54
C ILE A 350 -10.59 -20.08 -6.27
N ASP A 351 -10.83 -21.37 -6.50
CA ASP A 351 -12.05 -21.83 -7.23
C ASP A 351 -13.33 -21.43 -6.46
N ALA A 352 -13.29 -21.53 -5.14
CA ALA A 352 -14.42 -21.12 -4.31
C ALA A 352 -14.66 -19.60 -4.35
N ALA A 353 -13.60 -18.79 -4.33
CA ALA A 353 -13.74 -17.33 -4.38
C ALA A 353 -14.44 -16.93 -5.69
N PHE A 354 -14.08 -17.54 -6.80
CA PHE A 354 -14.71 -17.24 -8.07
C PHE A 354 -16.18 -17.62 -8.22
N ASN A 355 -16.65 -18.59 -7.45
CA ASN A 355 -18.07 -18.90 -7.37
C ASN A 355 -18.81 -17.99 -6.34
N SER A 356 -18.11 -17.43 -5.34
CA SER A 356 -18.75 -16.51 -4.37
C SER A 356 -19.58 -15.39 -5.03
N SER A 357 -19.02 -14.79 -6.07
CA SER A 357 -19.62 -13.66 -6.76
C SER A 357 -18.98 -13.55 -8.10
N SER A 358 -19.75 -13.12 -9.07
CA SER A 358 -19.22 -12.87 -10.39
C SER A 358 -18.14 -11.75 -10.38
N GLU A 359 -18.11 -10.88 -9.34
CA GLU A 359 -17.28 -9.67 -9.42
C GLU A 359 -15.77 -9.88 -9.17
N VAL A 360 -15.44 -10.85 -8.32
CA VAL A 360 -14.04 -11.07 -7.95
C VAL A 360 -13.30 -11.53 -9.17
N LYS A 361 -12.18 -10.90 -9.41
CA LYS A 361 -11.46 -10.96 -10.68
C LYS A 361 -10.03 -11.50 -10.50
N HIS A 362 -9.47 -11.23 -9.33
CA HIS A 362 -8.07 -11.49 -9.01
C HIS A 362 -8.03 -11.91 -7.54
N VAL A 363 -7.41 -13.05 -7.27
CA VAL A 363 -7.34 -13.64 -5.93
C VAL A 363 -5.90 -13.95 -5.66
N VAL A 364 -5.38 -13.45 -4.54
CA VAL A 364 -4.13 -13.99 -4.03
C VAL A 364 -4.27 -14.76 -2.71
N VAL A 365 -3.68 -15.95 -2.67
CA VAL A 365 -3.73 -16.81 -1.46
C VAL A 365 -2.36 -16.76 -0.78
N VAL A 366 -2.35 -16.53 0.51
CA VAL A 366 -1.12 -16.44 1.26
C VAL A 366 -1.25 -17.25 2.54
N ASP A 367 -0.12 -17.51 3.16
CA ASP A 367 -0.09 -18.20 4.45
C ASP A 367 -0.61 -17.33 5.58
N HIS A 368 -1.14 -17.98 6.62
CA HIS A 368 -1.76 -17.31 7.79
C HIS A 368 -0.89 -16.24 8.46
N GLU A 369 0.41 -16.35 8.41
CA GLU A 369 1.26 -15.34 9.06
C GLU A 369 1.46 -14.01 8.26
N ILE A 370 0.99 -13.93 7.00
CA ILE A 370 1.06 -12.70 6.20
C ILE A 370 -0.10 -11.84 6.67
N ASN A 371 0.16 -10.59 6.95
CA ASN A 371 -0.92 -9.65 7.24
C ASN A 371 -1.52 -9.18 5.87
N ILE A 372 -2.71 -9.71 5.60
CA ILE A 372 -3.36 -9.50 4.35
C ILE A 372 -3.92 -8.08 4.15
N PHE A 373 -3.99 -7.30 5.24
CA PHE A 373 -4.42 -5.93 5.20
C PHE A 373 -3.26 -4.96 4.89
N ASP A 374 -2.04 -5.48 4.75
CA ASP A 374 -0.87 -4.72 4.42
C ASP A 374 -0.44 -5.09 2.99
N PRO A 375 -0.68 -4.17 2.02
CA PRO A 375 -0.38 -4.51 0.59
C PRO A 375 1.08 -4.79 0.35
N GLU A 376 2.00 -4.14 1.07
CA GLU A 376 3.41 -4.41 0.83
C GLU A 376 3.84 -5.86 1.23
N GLU A 377 3.17 -6.39 2.24
CA GLU A 377 3.49 -7.72 2.76
C GLU A 377 2.84 -8.79 1.85
N VAL A 378 1.62 -8.55 1.38
CA VAL A 378 1.10 -9.41 0.33
C VAL A 378 1.97 -9.39 -0.91
N GLU A 379 2.43 -8.22 -1.35
CA GLU A 379 3.31 -8.16 -2.54
C GLU A 379 4.61 -8.92 -2.31
N TRP A 380 5.11 -8.80 -1.10
CA TRP A 380 6.31 -9.52 -0.76
C TRP A 380 6.12 -11.04 -0.84
N ALA A 381 4.99 -11.53 -0.33
CA ALA A 381 4.64 -12.91 -0.48
C ALA A 381 4.55 -13.35 -1.92
N VAL A 382 3.92 -12.51 -2.76
CA VAL A 382 3.89 -12.81 -4.21
C VAL A 382 5.31 -12.82 -4.77
N ALA A 383 6.11 -11.80 -4.44
CA ALA A 383 7.48 -11.74 -4.98
C ALA A 383 8.28 -12.97 -4.62
N THR A 384 8.11 -13.49 -3.41
CA THR A 384 9.07 -14.52 -2.93
C THR A 384 8.50 -15.93 -2.98
N ARG A 385 7.20 -16.10 -3.09
CA ARG A 385 6.55 -17.39 -2.99
C ARG A 385 5.68 -17.76 -4.19
N CYS A 386 5.57 -16.92 -5.21
CA CYS A 386 4.85 -17.26 -6.40
C CYS A 386 5.84 -17.54 -7.54
N GLN A 387 5.70 -18.73 -8.13
CA GLN A 387 6.39 -19.12 -9.36
C GLN A 387 5.27 -19.22 -10.40
N PRO A 388 5.16 -18.21 -11.32
CA PRO A 388 3.97 -18.12 -12.12
C PRO A 388 3.62 -19.30 -13.04
N GLY A 389 4.60 -20.08 -13.49
CA GLY A 389 4.35 -21.27 -14.32
C GLY A 389 3.59 -22.35 -13.55
N ARG A 390 3.82 -22.44 -12.26
CA ARG A 390 3.13 -23.33 -11.35
C ARG A 390 1.94 -22.67 -10.63
N ASP A 391 2.06 -21.38 -10.29
CA ASP A 391 1.19 -20.80 -9.23
C ASP A 391 0.08 -19.84 -9.70
N VAL A 392 0.00 -19.61 -11.01
CA VAL A 392 -0.98 -18.68 -11.59
C VAL A 392 -1.94 -19.41 -12.45
N THR A 393 -3.23 -19.26 -12.15
CA THR A 393 -4.29 -19.82 -12.97
C THR A 393 -5.13 -18.68 -13.56
N ILE A 394 -5.48 -18.79 -14.82
CA ILE A 394 -6.28 -17.83 -15.53
C ILE A 394 -7.55 -18.45 -16.05
N PHE A 395 -8.70 -17.80 -15.83
CA PHE A 395 -10.03 -18.26 -16.24
C PHE A 395 -10.58 -17.25 -17.26
N LYS A 396 -11.00 -17.77 -18.40
CA LYS A 396 -11.62 -16.97 -19.46
C LYS A 396 -13.17 -17.16 -19.50
N VAL A 411 -18.71 -9.37 -19.17
CA VAL A 411 -17.95 -10.60 -18.92
C VAL A 411 -16.45 -10.31 -18.68
N SER A 412 -15.86 -10.97 -17.68
CA SER A 412 -14.46 -10.74 -17.32
C SER A 412 -13.61 -12.00 -17.07
N ASP A 413 -12.37 -11.97 -17.58
CA ASP A 413 -11.38 -12.98 -17.24
C ASP A 413 -10.96 -12.79 -15.78
N LYS A 414 -10.43 -13.86 -15.21
CA LYS A 414 -10.08 -13.90 -13.80
C LYS A 414 -8.79 -14.58 -13.64
N MET A 415 -8.06 -14.19 -12.59
CA MET A 415 -6.76 -14.74 -12.31
C MET A 415 -6.57 -15.06 -10.84
N GLY A 416 -6.00 -16.23 -10.59
CA GLY A 416 -5.63 -16.69 -9.24
C GLY A 416 -4.12 -16.83 -9.09
N ILE A 417 -3.62 -16.40 -7.95
CA ILE A 417 -2.21 -16.48 -7.60
C ILE A 417 -2.04 -17.27 -6.27
N ASP A 418 -1.23 -18.30 -6.32
CA ASP A 418 -0.91 -19.10 -5.09
C ASP A 418 0.42 -18.60 -4.58
N ALA A 419 0.40 -17.78 -3.54
CA ALA A 419 1.61 -17.26 -2.99
C ALA A 419 1.85 -17.90 -1.60
N THR A 420 1.44 -19.15 -1.43
CA THR A 420 1.81 -19.92 -0.23
C THR A 420 3.15 -20.63 -0.40
N ILE A 421 3.80 -20.84 0.75
CA ILE A 421 5.00 -21.65 0.83
C ILE A 421 4.67 -23.10 0.39
N PRO A 422 5.46 -23.67 -0.56
CA PRO A 422 5.23 -25.13 -0.88
C PRO A 422 5.57 -26.05 0.31
N LEU A 423 4.83 -27.16 0.48
CA LEU A 423 4.77 -27.84 1.82
C LEU A 423 5.99 -28.63 2.34
N ASN A 424 6.69 -29.35 1.47
CA ASN A 424 8.09 -29.84 1.73
C ASN A 424 8.61 -30.71 0.60
N PHE A 430 12.37 -20.46 4.07
CA PHE A 430 11.23 -19.54 4.15
C PHE A 430 10.93 -18.84 5.51
N GLU A 431 11.79 -18.98 6.52
CA GLU A 431 11.60 -18.19 7.78
C GLU A 431 11.83 -16.68 7.56
N ARG A 432 10.87 -15.85 7.99
CA ARG A 432 10.99 -14.39 7.90
C ARG A 432 12.01 -13.95 8.96
N ILE A 433 12.88 -13.00 8.60
CA ILE A 433 13.86 -12.46 9.55
C ILE A 433 13.09 -11.66 10.61
N SER A 434 13.67 -11.56 11.80
CA SER A 434 13.04 -10.82 12.90
C SER A 434 14.10 -10.34 13.91
N ILE A 435 13.67 -9.42 14.77
CA ILE A 435 14.51 -8.75 15.75
C ILE A 435 13.89 -9.04 17.14
N PRO A 436 14.63 -9.70 18.07
CA PRO A 436 14.08 -9.87 19.45
C PRO A 436 13.87 -8.53 20.20
N GLY A 437 12.76 -8.46 20.96
CA GLY A 437 12.39 -7.26 21.70
C GLY A 437 11.53 -6.21 20.98
N LEU A 438 11.20 -6.42 19.70
CA LEU A 438 10.58 -5.32 18.86
C LEU A 438 9.17 -4.90 19.30
N ASP A 439 8.37 -5.83 19.83
CA ASP A 439 7.11 -5.50 20.51
C ASP A 439 7.42 -4.76 21.83
N LYS A 440 8.41 -5.27 22.55
CA LYS A 440 8.79 -4.75 23.86
C LYS A 440 9.40 -3.32 23.90
N ILE A 441 9.92 -2.82 22.78
CA ILE A 441 10.73 -1.57 22.75
C ILE A 441 10.12 -0.54 21.80
N LYS A 442 9.98 0.71 22.27
CA LYS A 442 9.23 1.74 21.57
C LYS A 442 10.12 2.95 21.27
N LEU A 443 10.06 3.42 20.04
CA LEU A 443 10.91 4.50 19.58
C LEU A 443 10.64 5.78 20.33
N ALA A 444 9.37 6.06 20.60
CA ALA A 444 8.96 7.27 21.36
C ALA A 444 9.60 7.34 22.75
N ASP A 445 9.71 6.21 23.46
CA ASP A 445 10.38 6.15 24.79
C ASP A 445 11.89 6.35 24.81
N TYR A 446 12.55 6.33 23.64
CA TYR A 446 14.01 6.53 23.54
C TYR A 446 14.44 7.89 23.01
N LEU A 447 13.58 8.54 22.23
CA LEU A 447 13.80 9.87 21.73
C LEU A 447 12.73 10.73 22.36
N SER B 2 34.22 18.21 3.31
CA SER B 2 33.46 18.61 2.07
C SER B 2 32.81 17.35 1.40
N HIS B 3 31.48 17.23 1.50
CA HIS B 3 30.66 16.09 1.05
C HIS B 3 31.06 14.77 1.71
N SER B 4 31.08 14.89 3.04
CA SER B 4 31.36 13.82 3.99
C SER B 4 30.05 13.39 4.59
N LEU B 5 30.09 12.28 5.31
CA LEU B 5 28.98 11.88 6.13
C LEU B 5 28.54 13.02 7.07
N ARG B 6 29.49 13.69 7.73
CA ARG B 6 29.13 14.79 8.67
C ARG B 6 28.35 15.91 8.05
N GLU B 7 28.71 16.33 6.85
CA GLU B 7 27.89 17.31 6.16
C GLU B 7 26.49 16.76 5.83
N TRP B 8 26.42 15.50 5.39
CA TRP B 8 25.13 14.91 5.13
C TRP B 8 24.31 14.89 6.38
N LEU B 9 24.88 14.51 7.52
CA LEU B 9 24.11 14.58 8.78
C LEU B 9 23.63 15.99 9.15
N ALA B 10 24.41 17.01 8.81
CA ALA B 10 24.02 18.41 9.02
C ALA B 10 22.81 18.75 8.16
N PHE B 11 22.90 18.44 6.87
CA PHE B 11 21.74 18.56 5.95
C PHE B 11 20.47 17.87 6.48
N LEU B 12 20.59 16.65 7.00
CA LEU B 12 19.41 15.96 7.55
C LEU B 12 18.86 16.66 8.80
N GLU B 13 19.74 17.10 9.70
CA GLU B 13 19.32 17.75 10.96
C GLU B 13 18.49 19.02 10.71
N GLY B 14 18.98 19.89 9.83
CA GLY B 14 18.29 21.12 9.47
C GLY B 14 17.01 20.93 8.67
N LYS B 15 16.79 19.71 8.19
CA LYS B 15 15.54 19.34 7.57
C LYS B 15 14.61 18.58 8.53
N GLY B 16 14.97 18.48 9.81
CA GLY B 16 14.26 17.63 10.81
C GLY B 16 14.12 16.14 10.49
N LYS B 17 15.12 15.53 9.86
CA LYS B 17 15.11 14.10 9.47
C LYS B 17 16.26 13.32 10.10
N LEU B 18 16.85 13.89 11.14
CA LEU B 18 17.79 13.21 12.00
C LEU B 18 17.29 13.43 13.41
N LYS B 19 17.09 12.36 14.14
CA LYS B 19 16.74 12.44 15.54
C LYS B 19 17.82 11.71 16.27
N ARG B 20 18.17 12.24 17.44
CA ARG B 20 19.17 11.64 18.27
C ARG B 20 18.51 10.81 19.34
N VAL B 21 19.22 9.79 19.79
CA VAL B 21 18.77 8.95 20.84
C VAL B 21 19.86 8.97 21.91
N ARG B 22 19.59 9.76 22.95
CA ARG B 22 20.51 9.98 24.07
C ARG B 22 20.50 8.87 25.09
N LYS B 23 19.40 8.12 25.18
CA LYS B 23 19.34 6.95 26.10
C LYS B 23 20.19 5.83 25.56
N GLU B 24 20.84 5.12 26.48
CA GLU B 24 21.73 4.04 26.14
C GLU B 24 20.96 2.93 25.42
N VAL B 25 21.57 2.34 24.38
CA VAL B 25 20.99 1.21 23.62
C VAL B 25 21.99 0.09 23.54
N ASP B 26 21.54 -1.13 23.49
CA ASP B 26 22.44 -2.28 23.27
C ASP B 26 22.68 -2.45 21.73
N PRO B 27 23.94 -2.57 21.30
CA PRO B 27 24.17 -2.89 19.88
C PRO B 27 23.62 -4.26 19.42
N VAL B 28 23.45 -5.19 20.37
CA VAL B 28 22.83 -6.48 20.12
C VAL B 28 21.31 -6.26 20.08
N PHE B 29 20.75 -6.30 18.86
CA PHE B 29 19.30 -6.20 18.55
C PHE B 29 18.59 -4.91 18.77
N GLU B 30 18.91 -4.15 19.81
CA GLU B 30 18.12 -2.95 20.07
C GLU B 30 18.29 -1.88 19.02
N ILE B 31 19.51 -1.70 18.51
CA ILE B 31 19.73 -0.65 17.47
C ILE B 31 18.84 -0.98 16.27
N ALA B 32 18.80 -2.26 15.88
CA ALA B 32 18.04 -2.67 14.71
C ALA B 32 16.56 -2.50 14.96
N ALA B 33 16.14 -2.87 16.16
CA ALA B 33 14.75 -2.75 16.55
C ALA B 33 14.26 -1.33 16.56
N LEU B 34 15.04 -0.43 17.14
CA LEU B 34 14.64 0.97 17.09
C LEU B 34 14.76 1.52 15.69
N GLY B 35 15.82 1.12 14.98
CA GLY B 35 15.98 1.55 13.58
C GLY B 35 14.83 1.17 12.65
N LYS B 36 14.24 -0.01 12.89
CA LYS B 36 13.09 -0.47 12.09
C LYS B 36 11.86 0.42 12.28
N GLN B 37 11.68 0.95 13.48
CA GLN B 37 10.53 1.84 13.72
C GLN B 37 10.72 3.20 13.11
N ALA B 38 11.93 3.57 12.77
CA ALA B 38 12.16 4.87 12.09
C ALA B 38 12.28 4.72 10.58
N ASP B 39 12.23 3.48 10.09
CA ASP B 39 12.53 3.14 8.69
C ASP B 39 11.67 4.01 7.76
N GLY B 40 12.30 4.73 6.87
CA GLY B 40 11.59 5.59 5.96
C GLY B 40 11.11 6.94 6.51
N ILE B 41 11.23 7.21 7.83
CA ILE B 41 10.75 8.50 8.35
C ILE B 41 11.96 9.37 8.72
N CYS B 42 12.87 8.82 9.48
CA CYS B 42 14.07 9.55 9.82
C CYS B 42 15.28 8.69 10.18
N SER B 43 16.45 9.31 10.03
CA SER B 43 17.72 8.76 10.44
C SER B 43 17.81 8.85 11.94
N LEU B 44 18.46 7.86 12.55
CA LEU B 44 18.69 7.86 13.96
C LEU B 44 20.18 7.81 14.27
N LEU B 45 20.59 8.71 15.17
CA LEU B 45 21.94 8.77 15.69
C LEU B 45 21.92 8.33 17.16
N PHE B 46 22.49 7.16 17.44
CA PHE B 46 22.55 6.61 18.77
C PHE B 46 23.78 7.10 19.54
N GLU B 47 23.57 8.12 20.40
CA GLU B 47 24.66 8.81 21.10
C GLU B 47 25.29 8.02 22.22
N ARG B 48 24.63 6.97 22.70
CA ARG B 48 25.19 6.12 23.74
C ARG B 48 24.91 4.68 23.44
N VAL B 49 25.95 3.95 23.08
CA VAL B 49 25.86 2.55 22.77
C VAL B 49 26.63 1.81 23.83
N LYS B 50 25.95 0.86 24.46
CA LYS B 50 26.47 0.19 25.62
C LYS B 50 27.82 -0.43 25.26
N GLY B 51 28.85 0.04 25.96
CA GLY B 51 30.20 -0.51 25.84
C GLY B 51 31.16 0.33 25.00
N TYR B 52 30.71 1.50 24.53
CA TYR B 52 31.44 2.25 23.50
C TYR B 52 31.30 3.77 23.64
N ALA B 53 32.36 4.52 23.33
CA ALA B 53 32.24 5.97 23.18
C ALA B 53 31.73 6.35 21.77
N VAL B 54 31.85 5.43 20.82
CA VAL B 54 31.49 5.73 19.42
C VAL B 54 29.97 5.65 19.19
N PRO B 55 29.32 6.71 18.67
CA PRO B 55 27.93 6.62 18.28
C PRO B 55 27.69 5.85 16.97
N VAL B 56 26.43 5.46 16.73
CA VAL B 56 26.03 4.67 15.56
C VAL B 56 24.96 5.45 14.85
N VAL B 57 25.07 5.59 13.53
CA VAL B 57 24.02 6.24 12.75
C VAL B 57 23.41 5.19 11.80
N THR B 58 22.11 5.27 11.60
CA THR B 58 21.43 4.41 10.65
C THR B 58 20.36 5.19 9.90
N GLY B 59 20.07 4.77 8.66
CA GLY B 59 18.97 5.34 7.88
C GLY B 59 19.31 6.71 7.32
N LEU B 60 20.46 6.84 6.68
CA LEU B 60 20.93 8.12 6.09
C LEU B 60 20.06 8.67 5.02
N ALA B 61 19.44 7.78 4.26
CA ALA B 61 18.46 8.15 3.27
C ALA B 61 17.51 6.97 3.08
N GLY B 62 16.22 7.22 3.20
CA GLY B 62 15.20 6.21 3.19
C GLY B 62 14.03 6.48 2.29
N ASP B 63 14.19 7.39 1.33
CA ASP B 63 13.20 7.73 0.37
C ASP B 63 13.88 8.36 -0.81
N ARG B 64 13.19 8.43 -1.92
N ARG B 64 13.13 8.45 -1.92
CA ARG B 64 13.76 8.94 -3.16
CA ARG B 64 13.60 9.01 -3.20
C ARG B 64 14.09 10.44 -3.14
C ARG B 64 14.15 10.42 -3.04
N GLU B 65 13.39 11.23 -2.34
CA GLU B 65 13.68 12.67 -2.18
C GLU B 65 15.09 12.88 -1.60
N LEU B 66 15.45 12.16 -0.53
CA LEU B 66 16.78 12.23 0.03
C LEU B 66 17.85 11.72 -0.88
N PHE B 67 17.65 10.63 -1.60
CA PHE B 67 18.71 10.22 -2.53
C PHE B 67 18.87 11.23 -3.65
N ALA B 68 17.78 11.85 -4.07
CA ALA B 68 17.88 12.94 -5.10
C ALA B 68 18.69 14.11 -4.55
N ALA B 69 18.33 14.58 -3.37
CA ALA B 69 19.15 15.58 -2.65
C ALA B 69 20.65 15.18 -2.57
N ALA B 70 20.94 13.92 -2.22
CA ALA B 70 22.33 13.45 -2.16
C ALA B 70 23.05 13.58 -3.46
N MET B 71 22.34 13.55 -4.56
CA MET B 71 22.93 13.67 -5.88
C MET B 71 22.81 15.11 -6.42
N SER B 72 22.29 16.07 -5.63
CA SER B 72 22.02 17.45 -6.12
C SER B 72 21.14 17.51 -7.37
N VAL B 73 19.96 16.85 -7.32
CA VAL B 73 18.97 16.86 -8.39
C VAL B 73 17.59 16.84 -7.81
N PRO B 74 16.61 17.31 -8.60
CA PRO B 74 15.24 16.98 -8.19
C PRO B 74 14.98 15.46 -8.53
N VAL B 75 14.04 14.87 -7.81
CA VAL B 75 13.64 13.47 -8.03
C VAL B 75 13.48 13.11 -9.51
N GLU B 76 12.80 14.02 -10.22
CA GLU B 76 12.50 13.87 -11.64
C GLU B 76 13.74 13.57 -12.44
N GLY B 77 14.90 14.08 -12.05
CA GLY B 77 16.12 13.89 -12.84
C GLY B 77 17.10 12.82 -12.32
N MET B 78 16.80 12.26 -11.16
CA MET B 78 17.68 11.30 -10.44
C MET B 78 18.19 10.19 -11.31
N LEU B 79 17.30 9.50 -12.02
CA LEU B 79 17.72 8.32 -12.75
C LEU B 79 18.66 8.65 -13.90
N GLU B 80 18.36 9.77 -14.57
CA GLU B 80 19.18 10.24 -15.69
C GLU B 80 20.49 10.78 -15.15
N LYS B 81 20.47 11.51 -14.04
CA LYS B 81 21.75 11.93 -13.45
C LYS B 81 22.65 10.72 -13.11
N LEU B 82 22.05 9.65 -12.57
CA LEU B 82 22.83 8.46 -12.21
C LEU B 82 23.41 7.79 -13.46
N ALA B 83 22.60 7.65 -14.51
CA ALA B 83 23.09 7.01 -15.76
C ALA B 83 24.21 7.84 -16.48
N ALA B 84 24.05 9.15 -16.43
CA ALA B 84 25.09 10.10 -16.90
C ALA B 84 26.41 9.94 -16.13
N ALA B 85 26.33 9.81 -14.79
CA ALA B 85 27.55 9.53 -14.00
C ALA B 85 28.20 8.20 -14.36
N VAL B 86 27.39 7.18 -14.62
CA VAL B 86 27.95 5.87 -15.04
C VAL B 86 28.59 5.97 -16.41
N GLU B 87 27.97 6.69 -17.32
CA GLU B 87 28.50 6.84 -18.69
C GLU B 87 29.76 7.72 -18.69
N ASN B 88 29.77 8.78 -17.86
CA ASN B 88 30.88 9.74 -17.84
C ASN B 88 31.56 9.88 -16.47
N PRO B 89 32.36 8.88 -16.08
CA PRO B 89 33.06 9.00 -14.80
C PRO B 89 34.09 10.14 -14.82
N VAL B 90 34.44 10.62 -13.64
CA VAL B 90 35.28 11.81 -13.42
C VAL B 90 36.43 11.40 -12.51
N PRO B 91 37.69 11.72 -12.87
CA PRO B 91 38.77 11.30 -11.96
C PRO B 91 38.66 11.85 -10.52
N CYS B 92 39.15 11.03 -9.59
CA CYS B 92 39.29 11.40 -8.19
C CYS B 92 40.63 12.10 -8.03
N ARG B 93 40.71 12.90 -6.96
CA ARG B 93 41.91 13.61 -6.61
C ARG B 93 42.60 12.91 -5.42
N LEU B 94 43.84 12.46 -5.60
CA LEU B 94 44.72 12.10 -4.50
C LEU B 94 45.14 13.33 -3.70
N VAL B 95 45.19 13.18 -2.38
CA VAL B 95 45.31 14.27 -1.44
C VAL B 95 46.34 13.81 -0.42
N SER B 96 46.95 14.75 0.28
CA SER B 96 47.99 14.41 1.25
C SER B 96 47.36 13.70 2.46
N PRO B 97 48.08 12.71 3.07
CA PRO B 97 47.64 12.15 4.35
C PRO B 97 47.63 13.11 5.52
N ASP B 98 48.43 14.17 5.47
CA ASP B 98 48.47 15.15 6.55
C ASP B 98 47.25 16.03 6.50
N GLY B 99 46.52 16.08 7.61
CA GLY B 99 45.26 16.80 7.62
C GLY B 99 44.05 16.02 7.07
N ALA B 100 44.23 14.84 6.46
CA ALA B 100 43.08 14.04 5.96
C ALA B 100 42.33 13.52 7.19
N PRO B 101 41.02 13.80 7.28
CA PRO B 101 40.41 13.43 8.55
C PRO B 101 40.51 11.93 8.94
N VAL B 102 40.44 11.04 7.96
CA VAL B 102 40.47 9.61 8.27
C VAL B 102 41.84 9.09 8.78
N LYS B 103 42.87 9.94 8.70
CA LYS B 103 44.22 9.62 9.19
C LYS B 103 44.53 10.11 10.61
N GLU B 104 43.60 10.84 11.24
CA GLU B 104 43.79 11.39 12.57
C GLU B 104 44.26 10.33 13.60
N CYS B 105 43.61 9.17 13.65
CA CYS B 105 44.04 8.03 14.48
C CYS B 105 44.35 6.82 13.60
N ILE B 106 45.45 6.13 13.88
CA ILE B 106 45.95 5.03 13.05
C ILE B 106 46.37 3.93 14.02
N ILE B 107 45.90 2.71 13.80
CA ILE B 107 46.17 1.58 14.67
C ILE B 107 46.69 0.47 13.78
N ARG B 108 47.89 0.00 14.12
CA ARG B 108 48.55 -1.10 13.39
C ARG B 108 48.88 -2.31 14.25
N GLU B 109 48.75 -2.22 15.57
CA GLU B 109 49.08 -3.35 16.45
C GLU B 109 48.01 -3.56 17.51
N ASN B 110 47.83 -4.84 17.88
CA ASN B 110 46.81 -5.27 18.86
C ASN B 110 45.40 -4.80 18.45
N ILE B 111 45.06 -5.15 17.21
CA ILE B 111 43.83 -4.69 16.62
C ILE B 111 42.71 -5.57 17.12
N ASP B 112 41.71 -4.95 17.73
CA ASP B 112 40.49 -5.66 18.15
C ASP B 112 39.25 -4.88 17.68
N LEU B 113 38.62 -5.37 16.60
CA LEU B 113 37.54 -4.62 15.94
C LEU B 113 36.33 -4.42 16.85
N LEU B 114 35.87 -5.51 17.48
CA LEU B 114 34.76 -5.41 18.45
C LEU B 114 35.01 -4.54 19.66
N LYS B 115 36.26 -4.41 20.10
CA LYS B 115 36.58 -3.47 21.19
C LYS B 115 36.49 -2.03 20.71
N MET B 116 36.95 -1.74 19.49
CA MET B 116 36.96 -0.35 19.01
C MET B 116 35.60 0.16 18.54
N LEU B 117 34.83 -0.73 17.92
CA LEU B 117 33.69 -0.29 17.13
C LEU B 117 32.39 -0.97 17.54
N PRO B 118 31.33 -0.17 17.63
CA PRO B 118 30.03 -0.66 18.04
C PRO B 118 29.32 -1.40 16.88
N ILE B 119 29.84 -2.54 16.47
CA ILE B 119 29.32 -3.23 15.34
C ILE B 119 28.09 -3.98 15.81
N PRO B 120 26.91 -3.66 15.27
CA PRO B 120 25.67 -4.26 15.74
C PRO B 120 25.45 -5.70 15.36
N THR B 121 24.56 -6.35 16.10
CA THR B 121 23.97 -7.64 15.72
C THR B 121 22.53 -7.30 15.33
N HIS B 122 22.13 -7.64 14.10
CA HIS B 122 20.93 -7.03 13.53
C HIS B 122 19.63 -7.85 13.77
N HIS B 123 19.60 -9.07 13.27
CA HIS B 123 18.43 -9.94 13.32
C HIS B 123 18.71 -11.21 14.14
N ALA B 124 17.64 -11.82 14.66
CA ALA B 124 17.65 -13.03 15.53
C ALA B 124 18.54 -14.15 15.05
N GLY B 125 18.34 -14.59 13.82
CA GLY B 125 19.19 -15.67 13.27
C GLY B 125 20.65 -15.37 12.92
N ASP B 126 21.12 -14.13 13.12
CA ASP B 126 22.47 -13.73 12.66
C ASP B 126 23.58 -14.42 13.49
N ALA B 127 24.64 -14.87 12.81
CA ALA B 127 25.76 -15.54 13.47
C ALA B 127 26.56 -14.70 14.48
N GLY B 128 26.55 -13.39 14.31
CA GLY B 128 27.20 -12.49 15.26
C GLY B 128 27.10 -11.05 14.74
N PRO B 129 27.98 -10.17 15.21
CA PRO B 129 28.00 -8.81 14.70
C PRO B 129 28.42 -8.76 13.24
N TYR B 130 27.78 -7.88 12.46
CA TYR B 130 28.10 -7.71 11.04
C TYR B 130 28.35 -6.28 10.70
N ILE B 131 29.37 -6.06 9.88
CA ILE B 131 29.64 -4.76 9.25
C ILE B 131 28.84 -4.78 7.97
N THR B 132 27.88 -3.86 7.84
CA THR B 132 26.94 -3.86 6.71
C THR B 132 27.03 -2.63 5.82
N ALA B 133 27.82 -1.62 6.19
CA ALA B 133 27.85 -0.38 5.42
C ALA B 133 29.24 0.03 4.92
N ALA B 134 30.10 -0.93 4.74
CA ALA B 134 31.47 -0.66 4.33
C ALA B 134 31.54 -0.80 2.85
N ILE B 135 32.09 0.22 2.18
CA ILE B 135 32.49 0.06 0.79
C ILE B 135 33.85 -0.65 0.76
N LEU B 136 33.97 -1.63 -0.12
CA LEU B 136 35.16 -2.45 -0.24
C LEU B 136 35.86 -2.05 -1.54
N ILE B 137 37.05 -1.45 -1.42
CA ILE B 137 37.82 -0.97 -2.55
C ILE B 137 38.95 -1.98 -2.79
N ALA B 138 39.08 -2.44 -4.03
CA ALA B 138 40.17 -3.35 -4.42
C ALA B 138 40.64 -3.10 -5.87
N ARG B 139 41.83 -3.60 -6.18
CA ARG B 139 42.36 -3.54 -7.54
C ARG B 139 42.56 -4.92 -8.15
N ASP B 140 42.37 -5.02 -9.46
CA ASP B 140 42.60 -6.25 -10.22
C ASP B 140 44.12 -6.51 -10.17
N PRO B 141 44.52 -7.66 -9.62
CA PRO B 141 45.96 -7.89 -9.47
C PRO B 141 46.75 -8.03 -10.81
N ASP B 142 46.08 -8.28 -11.94
CA ASP B 142 46.73 -8.31 -13.28
C ASP B 142 46.52 -7.03 -14.11
N SER B 143 45.28 -6.55 -14.23
CA SER B 143 44.99 -5.34 -15.04
C SER B 143 45.08 -4.01 -14.26
N GLY B 144 45.11 -4.07 -12.93
CA GLY B 144 45.22 -2.88 -12.09
C GLY B 144 43.98 -1.99 -11.93
N VAL B 145 42.87 -2.30 -12.59
CA VAL B 145 41.67 -1.49 -12.45
C VAL B 145 41.02 -1.59 -11.04
N ARG B 146 40.40 -0.48 -10.61
CA ARG B 146 39.79 -0.36 -9.31
C ARG B 146 38.28 -0.67 -9.37
N ASN B 147 37.80 -1.41 -8.37
CA ASN B 147 36.38 -1.68 -8.18
C ASN B 147 35.94 -1.39 -6.73
N VAL B 148 34.69 -0.98 -6.57
CA VAL B 148 34.07 -0.78 -5.28
C VAL B 148 32.76 -1.59 -5.25
N SER B 149 32.53 -2.29 -4.15
CA SER B 149 31.26 -2.98 -3.88
C SER B 149 31.03 -3.06 -2.35
N ILE B 150 29.81 -3.43 -1.97
CA ILE B 150 29.48 -3.57 -0.55
C ILE B 150 29.21 -5.04 -0.27
N HIS B 151 29.89 -5.56 0.75
CA HIS B 151 29.78 -6.97 1.19
C HIS B 151 29.53 -6.99 2.68
N ARG B 152 28.64 -7.90 3.13
CA ARG B 152 28.52 -8.15 4.54
C ARG B 152 29.83 -8.79 5.05
N LEU B 153 30.25 -8.34 6.23
CA LEU B 153 31.47 -8.82 6.84
C LEU B 153 31.12 -9.30 8.26
N GLN B 154 31.29 -10.59 8.50
CA GLN B 154 31.05 -11.15 9.84
C GLN B 154 32.30 -10.92 10.68
N VAL B 155 32.13 -10.36 11.85
CA VAL B 155 33.25 -10.20 12.77
C VAL B 155 33.47 -11.56 13.43
N THR B 156 34.54 -12.25 13.04
CA THR B 156 34.83 -13.58 13.56
C THR B 156 36.00 -13.64 14.56
N GLY B 157 36.81 -12.58 14.64
CA GLY B 157 37.78 -12.44 15.71
C GLY B 157 38.30 -11.02 15.80
N PRO B 158 39.29 -10.75 16.67
CA PRO B 158 39.81 -9.38 16.84
C PRO B 158 40.27 -8.68 15.54
N ASP B 159 40.81 -9.46 14.61
CA ASP B 159 41.41 -8.96 13.38
C ASP B 159 41.02 -9.85 12.20
N ARG B 160 39.84 -10.46 12.28
CA ARG B 160 39.41 -11.38 11.24
C ARG B 160 37.95 -11.11 10.85
N LEU B 161 37.64 -11.21 9.55
CA LEU B 161 36.27 -11.04 9.07
C LEU B 161 35.95 -12.10 8.05
N GLY B 162 34.73 -12.63 8.09
CA GLY B 162 34.20 -13.50 7.02
C GLY B 162 33.43 -12.66 6.03
N ILE B 163 33.51 -13.00 4.77
CA ILE B 163 32.97 -12.15 3.73
C ILE B 163 32.20 -13.02 2.74
N LEU B 164 30.99 -12.61 2.46
CA LEU B 164 30.20 -13.14 1.35
C LEU B 164 30.59 -12.39 0.09
N ILE B 165 31.16 -13.09 -0.89
CA ILE B 165 31.45 -12.50 -2.20
C ILE B 165 30.63 -13.24 -3.28
N LEU B 166 29.64 -12.57 -3.84
CA LEU B 166 28.87 -13.11 -4.97
C LEU B 166 29.76 -13.08 -6.24
N PRO B 167 29.45 -13.93 -7.25
CA PRO B 167 30.28 -13.99 -8.47
C PRO B 167 30.10 -12.77 -9.41
N ARG B 168 30.76 -11.68 -9.03
CA ARG B 168 30.71 -10.36 -9.72
C ARG B 168 32.19 -9.89 -9.81
N HIS B 169 32.48 -8.58 -9.72
CA HIS B 169 33.83 -8.10 -9.97
C HIS B 169 34.86 -8.45 -8.90
N LEU B 170 34.55 -8.29 -7.62
CA LEU B 170 35.50 -8.63 -6.59
C LEU B 170 35.90 -10.11 -6.66
N TRP B 171 34.93 -10.97 -6.92
CA TRP B 171 35.20 -12.40 -7.12
C TRP B 171 36.21 -12.66 -8.26
N HIS B 172 36.01 -11.97 -9.38
CA HIS B 172 36.94 -12.03 -10.48
C HIS B 172 38.34 -11.65 -10.02
N PHE B 173 38.47 -10.54 -9.29
CA PHE B 173 39.78 -10.13 -8.77
C PHE B 173 40.37 -11.15 -7.83
N PHE B 174 39.55 -11.65 -6.92
CA PHE B 174 40.02 -12.55 -5.87
C PHE B 174 40.46 -13.87 -6.53
N GLY B 175 39.68 -14.34 -7.51
CA GLY B 175 40.02 -15.51 -8.33
C GLY B 175 41.45 -15.44 -8.84
N LYS B 176 41.80 -14.28 -9.41
CA LYS B 176 43.14 -14.06 -9.97
C LYS B 176 44.22 -14.03 -8.91
N ALA B 177 43.93 -13.46 -7.75
CA ALA B 177 44.91 -13.47 -6.65
C ALA B 177 45.14 -14.87 -6.13
N GLU B 178 44.09 -15.69 -6.04
CA GLU B 178 44.30 -17.01 -5.45
C GLU B 178 44.83 -18.07 -6.42
N ARG B 179 44.66 -17.91 -7.74
CA ARG B 179 45.44 -18.70 -8.72
C ARG B 179 46.94 -18.45 -8.67
N ALA B 180 47.35 -17.23 -8.34
CA ALA B 180 48.76 -16.92 -8.10
C ALA B 180 49.25 -17.23 -6.66
N GLY B 181 48.39 -17.80 -5.81
CA GLY B 181 48.72 -18.07 -4.41
C GLY B 181 48.99 -16.86 -3.52
N ARG B 182 48.48 -15.69 -3.91
CA ARG B 182 48.72 -14.41 -3.22
C ARG B 182 47.44 -13.87 -2.51
N PRO B 183 47.58 -13.09 -1.44
CA PRO B 183 46.35 -12.45 -0.97
C PRO B 183 45.91 -11.31 -1.90
N LEU B 184 44.63 -10.93 -1.81
CA LEU B 184 44.12 -9.71 -2.47
C LEU B 184 44.00 -8.61 -1.44
N GLU B 185 44.77 -7.55 -1.63
CA GLU B 185 44.72 -6.38 -0.76
C GLU B 185 43.43 -5.59 -0.96
N ILE B 186 42.80 -5.17 0.13
CA ILE B 186 41.55 -4.43 0.08
C ILE B 186 41.53 -3.35 1.11
N ALA B 187 40.67 -2.38 0.90
CA ALA B 187 40.29 -1.47 1.95
C ALA B 187 38.78 -1.32 2.12
N LEU B 188 38.37 -1.14 3.35
CA LEU B 188 36.98 -1.01 3.71
C LEU B 188 36.77 0.37 4.26
N ALA B 189 35.86 1.14 3.70
CA ALA B 189 35.54 2.46 4.26
C ALA B 189 34.11 2.58 4.73
N ILE B 190 33.91 3.12 5.92
CA ILE B 190 32.63 3.19 6.60
C ILE B 190 32.37 4.63 6.96
N GLY B 191 31.19 5.12 6.65
CA GLY B 191 30.85 6.48 7.02
C GLY B 191 31.23 7.39 5.90
N VAL B 192 30.53 7.22 4.79
CA VAL B 192 30.70 8.07 3.63
C VAL B 192 29.39 8.70 3.23
N HIS B 193 29.52 9.67 2.36
CA HIS B 193 28.37 10.34 1.82
C HIS B 193 27.49 9.34 1.07
N PRO B 194 26.16 9.47 1.14
CA PRO B 194 25.28 8.58 0.39
C PRO B 194 25.52 8.47 -1.11
N ALA B 195 26.02 9.52 -1.75
CA ALA B 195 26.35 9.43 -3.18
C ALA B 195 27.41 8.41 -3.43
N VAL B 196 28.34 8.27 -2.48
CA VAL B 196 29.41 7.30 -2.64
C VAL B 196 28.88 5.85 -2.52
N LEU B 197 27.93 5.66 -1.59
CA LEU B 197 27.27 4.38 -1.35
C LEU B 197 26.45 4.02 -2.56
N LEU B 198 25.71 4.99 -3.07
CA LEU B 198 24.92 4.83 -4.27
C LEU B 198 25.81 4.46 -5.44
N ALA B 199 26.93 5.13 -5.61
CA ALA B 199 27.89 4.78 -6.66
C ALA B 199 28.47 3.39 -6.56
N SER B 200 28.63 2.86 -5.35
CA SER B 200 29.17 1.53 -5.16
C SER B 200 28.24 0.42 -5.67
N GLN B 201 26.98 0.74 -5.89
CA GLN B 201 25.97 -0.19 -6.43
C GLN B 201 25.79 -0.13 -7.94
N ALA B 202 26.52 0.72 -8.64
CA ALA B 202 26.51 0.66 -10.14
C ALA B 202 26.96 -0.72 -10.65
N THR B 203 26.16 -1.22 -11.57
CA THR B 203 26.42 -2.48 -12.26
C THR B 203 26.96 -2.04 -13.61
N THR B 204 28.22 -2.35 -13.86
CA THR B 204 28.91 -1.89 -15.05
C THR B 204 29.68 -3.04 -15.67
N ARG B 205 30.23 -2.77 -16.85
CA ARG B 205 31.13 -3.73 -17.49
C ARG B 205 32.44 -3.73 -16.67
N LEU B 206 33.30 -4.69 -16.96
CA LEU B 206 34.31 -5.14 -16.01
C LEU B 206 35.34 -4.10 -15.47
N GLY B 207 35.58 -3.01 -16.21
CA GLY B 207 36.61 -2.03 -15.80
C GLY B 207 36.26 -0.56 -15.60
N VAL B 208 35.16 -0.25 -14.92
CA VAL B 208 34.88 1.16 -14.58
C VAL B 208 34.83 1.34 -13.07
N ASP B 209 35.57 2.35 -12.63
CA ASP B 209 35.89 2.57 -11.24
C ASP B 209 34.70 3.29 -10.62
N GLU B 210 34.03 2.62 -9.68
CA GLU B 210 32.91 3.26 -9.01
C GLU B 210 33.26 4.50 -8.21
N LEU B 211 34.51 4.66 -7.79
CA LEU B 211 34.88 5.94 -7.11
C LEU B 211 34.82 7.14 -8.07
N GLU B 212 35.07 6.89 -9.35
CA GLU B 212 34.93 7.89 -10.42
C GLU B 212 33.49 8.21 -10.74
N ILE B 213 32.63 7.20 -10.60
CA ILE B 213 31.20 7.46 -10.68
C ILE B 213 30.75 8.35 -9.52
N ALA B 214 31.23 8.04 -8.33
CA ALA B 214 30.90 8.88 -7.17
C ALA B 214 31.38 10.31 -7.37
N SER B 215 32.58 10.46 -7.86
CA SER B 215 33.13 11.77 -8.23
C SER B 215 32.21 12.58 -9.15
N ALA B 216 31.73 11.96 -10.22
CA ALA B 216 30.72 12.61 -11.09
C ALA B 216 29.41 13.01 -10.43
N LEU B 217 28.99 12.31 -9.37
CA LEU B 217 27.72 12.62 -8.74
C LEU B 217 27.86 13.76 -7.75
N LEU B 218 29.07 13.94 -7.24
CA LEU B 218 29.28 14.93 -6.21
C LEU B 218 29.56 16.29 -6.85
N PRO B 219 29.39 17.39 -6.08
CA PRO B 219 29.70 18.73 -6.58
C PRO B 219 31.19 18.94 -6.95
N GLN B 220 32.12 18.35 -6.19
CA GLN B 220 33.57 18.38 -6.48
C GLN B 220 34.11 16.93 -6.54
N PRO B 221 35.24 16.70 -7.25
CA PRO B 221 35.86 15.39 -7.22
C PRO B 221 36.10 14.83 -5.81
N LEU B 222 35.93 13.53 -5.69
CA LEU B 222 36.09 12.83 -4.44
C LEU B 222 37.58 12.80 -4.10
N GLU B 223 37.90 13.15 -2.86
CA GLU B 223 39.28 13.22 -2.41
C GLU B 223 39.66 11.90 -1.76
N LEU B 224 40.78 11.31 -2.24
CA LEU B 224 41.28 10.05 -1.81
C LEU B 224 42.62 10.22 -1.17
N VAL B 225 42.97 9.23 -0.36
CA VAL B 225 44.26 9.14 0.29
C VAL B 225 44.75 7.70 0.25
N LYS B 226 46.06 7.50 0.29
CA LYS B 226 46.66 6.17 0.27
C LYS B 226 46.50 5.53 1.62
N CYS B 227 46.31 4.21 1.63
CA CYS B 227 46.28 3.40 2.84
C CYS B 227 47.67 3.21 3.43
N GLU B 228 47.72 2.91 4.71
CA GLU B 228 48.99 2.68 5.42
C GLU B 228 49.68 1.38 5.02
N THR B 229 48.94 0.27 4.98
CA THR B 229 49.55 -1.07 4.90
C THR B 229 49.22 -1.83 3.63
N VAL B 230 48.46 -1.20 2.73
CA VAL B 230 48.11 -1.81 1.46
C VAL B 230 48.08 -0.76 0.38
N ASP B 231 48.25 -1.19 -0.86
CA ASP B 231 48.35 -0.28 -2.01
C ASP B 231 46.95 -0.06 -2.61
N VAL B 232 46.14 0.66 -1.85
CA VAL B 232 44.76 0.92 -2.17
C VAL B 232 44.49 2.36 -1.75
N GLU B 233 43.51 2.99 -2.36
CA GLU B 233 43.10 4.36 -2.08
C GLU B 233 41.72 4.35 -1.38
N VAL B 234 41.50 5.27 -0.43
CA VAL B 234 40.24 5.33 0.34
C VAL B 234 39.79 6.78 0.45
N PRO B 235 38.48 7.04 0.61
CA PRO B 235 38.02 8.44 0.74
C PRO B 235 38.62 9.13 1.98
N ALA B 236 39.25 10.27 1.75
CA ALA B 236 39.98 11.03 2.80
C ALA B 236 39.07 11.41 3.94
N GLY B 237 37.84 11.77 3.60
CA GLY B 237 36.85 12.17 4.57
C GLY B 237 36.03 11.06 5.24
N ALA B 238 36.34 9.78 5.02
CA ALA B 238 35.58 8.69 5.63
C ALA B 238 35.70 8.75 7.17
N GLU B 239 34.82 8.07 7.89
CA GLU B 239 34.87 8.03 9.34
C GLU B 239 35.83 7.01 9.79
N ILE B 240 35.81 5.84 9.14
CA ILE B 240 36.62 4.71 9.52
C ILE B 240 37.09 3.96 8.27
N VAL B 241 38.35 3.47 8.29
CA VAL B 241 38.90 2.62 7.25
C VAL B 241 39.53 1.42 7.88
N ILE B 242 39.25 0.26 7.34
CA ILE B 242 39.82 -0.98 7.78
C ILE B 242 40.53 -1.52 6.58
N GLU B 243 41.85 -1.70 6.74
CA GLU B 243 42.74 -2.22 5.71
C GLU B 243 42.99 -3.70 5.94
N GLY B 244 43.10 -4.47 4.88
CA GLY B 244 43.41 -5.86 5.03
C GLY B 244 43.58 -6.62 3.77
N LYS B 245 43.42 -7.93 3.87
CA LYS B 245 43.57 -8.77 2.69
C LYS B 245 42.70 -10.00 2.78
N ILE B 246 42.20 -10.43 1.63
CA ILE B 246 41.41 -11.65 1.57
C ILE B 246 42.44 -12.78 1.37
N LEU B 247 42.42 -13.79 2.23
CA LEU B 247 43.48 -14.79 2.29
C LEU B 247 43.28 -15.84 1.20
N PRO B 248 44.37 -16.18 0.47
CA PRO B 248 44.21 -17.17 -0.61
C PRO B 248 43.89 -18.57 -0.06
N GLY B 249 42.92 -19.26 -0.65
CA GLY B 249 42.59 -20.63 -0.25
C GLY B 249 41.76 -20.81 1.01
N VAL B 250 41.91 -19.94 2.00
CA VAL B 250 41.20 -20.14 3.26
C VAL B 250 39.68 -20.00 3.04
N ARG B 251 38.96 -20.89 3.71
CA ARG B 251 37.49 -20.91 3.74
C ARG B 251 37.07 -21.21 5.15
N GLU B 252 36.27 -20.31 5.73
CA GLU B 252 35.68 -20.50 7.06
C GLU B 252 34.21 -20.21 7.00
N VAL B 253 33.48 -20.75 7.96
CA VAL B 253 32.04 -20.69 7.92
C VAL B 253 31.60 -19.26 8.24
N GLU B 254 30.88 -18.69 7.29
CA GLU B 254 30.29 -17.34 7.45
C GLU B 254 28.77 -17.51 7.43
N GLY B 255 28.10 -16.80 8.32
CA GLY B 255 26.65 -16.88 8.32
C GLY B 255 26.10 -17.76 9.42
N PRO B 256 24.77 -17.92 9.51
CA PRO B 256 23.81 -17.25 8.59
C PRO B 256 23.54 -15.76 8.91
N PHE B 257 22.79 -15.12 8.04
CA PHE B 257 22.56 -13.67 8.13
C PHE B 257 21.20 -13.29 7.56
N GLY B 258 20.45 -12.46 8.27
CA GLY B 258 19.23 -11.85 7.69
C GLY B 258 19.50 -10.91 6.48
N GLU B 259 18.89 -11.20 5.32
CA GLU B 259 19.21 -10.52 4.03
C GLU B 259 18.05 -9.65 3.47
N TYR B 260 18.28 -8.99 2.32
CA TYR B 260 17.29 -8.08 1.59
C TYR B 260 15.85 -8.58 1.39
N PRO B 261 15.68 -9.88 0.98
CA PRO B 261 14.29 -10.32 0.76
C PRO B 261 13.53 -10.72 2.05
N ARG B 262 14.10 -10.43 3.25
CA ARG B 262 13.49 -10.76 4.57
C ARG B 262 13.53 -12.30 4.85
N TYR B 263 14.56 -12.97 4.29
CA TYR B 263 14.93 -14.35 4.64
C TYR B 263 16.39 -14.45 5.02
N TYR B 264 16.72 -15.54 5.69
CA TYR B 264 18.08 -15.82 6.08
C TYR B 264 18.89 -16.30 4.88
N GLY B 265 20.07 -15.68 4.69
CA GLY B 265 21.16 -16.24 3.89
C GLY B 265 21.80 -17.39 4.69
N PRO B 266 21.86 -18.61 4.10
CA PRO B 266 22.41 -19.74 4.86
C PRO B 266 23.94 -19.67 5.10
N ALA B 267 24.37 -20.30 6.20
CA ALA B 267 25.78 -20.47 6.55
C ALA B 267 26.50 -21.38 5.55
N ALA B 268 27.75 -21.04 5.23
CA ALA B 268 28.61 -21.88 4.37
C ALA B 268 30.08 -21.44 4.48
N PRO B 269 31.02 -22.30 3.98
CA PRO B 269 32.44 -21.92 3.98
C PRO B 269 32.78 -20.84 2.93
N ARG B 270 33.41 -19.74 3.37
CA ARG B 270 33.60 -18.54 2.56
C ARG B 270 34.92 -17.85 2.83
N PRO B 271 35.31 -16.88 1.98
CA PRO B 271 36.62 -16.27 2.21
C PRO B 271 36.72 -15.52 3.50
N VAL B 272 37.95 -15.17 3.83
CA VAL B 272 38.29 -14.55 5.09
C VAL B 272 39.20 -13.34 4.83
N VAL B 273 38.97 -12.25 5.54
CA VAL B 273 39.79 -11.07 5.49
C VAL B 273 40.54 -11.04 6.79
N GLU B 274 41.87 -10.91 6.70
CA GLU B 274 42.72 -10.56 7.84
C GLU B 274 42.94 -9.05 7.80
N VAL B 275 42.71 -8.39 8.93
CA VAL B 275 42.85 -6.94 8.98
C VAL B 275 44.24 -6.56 9.50
N THR B 276 44.90 -5.68 8.74
CA THR B 276 46.26 -5.23 9.01
C THR B 276 46.35 -3.81 9.55
N ALA B 277 45.25 -3.07 9.55
CA ALA B 277 45.21 -1.75 10.15
C ALA B 277 43.81 -1.16 10.14
N VAL B 278 43.60 -0.18 11.01
CA VAL B 278 42.39 0.53 11.13
C VAL B 278 42.77 1.97 11.30
N THR B 279 42.16 2.89 10.54
CA THR B 279 42.35 4.33 10.77
C THR B 279 41.01 4.98 10.85
N HIS B 280 40.93 6.06 11.60
CA HIS B 280 39.68 6.73 11.77
C HIS B 280 39.84 8.15 12.14
N ARG B 281 38.78 8.91 11.91
CA ARG B 281 38.66 10.21 12.51
C ARG B 281 38.69 10.12 14.04
N ARG B 282 39.17 11.24 14.60
CA ARG B 282 39.05 11.50 16.00
C ARG B 282 37.55 11.53 16.28
N GLN B 283 37.14 10.68 17.22
CA GLN B 283 35.73 10.58 17.63
C GLN B 283 34.82 10.26 16.42
N PRO B 284 35.04 9.07 15.83
CA PRO B 284 34.27 8.71 14.63
C PRO B 284 32.79 8.39 14.87
N VAL B 285 31.99 8.48 13.81
CA VAL B 285 30.62 7.96 13.80
C VAL B 285 30.58 6.67 13.01
N TYR B 286 30.05 5.60 13.61
CA TYR B 286 29.92 4.34 12.95
C TYR B 286 28.52 4.28 12.23
N HIS B 287 28.51 3.90 10.96
CA HIS B 287 27.26 3.82 10.16
C HIS B 287 26.91 2.34 9.96
N THR B 288 25.66 1.98 10.29
CA THR B 288 25.19 0.66 9.94
C THR B 288 23.98 0.74 9.03
N ILE B 289 23.84 -0.25 8.15
CA ILE B 289 22.65 -0.35 7.32
C ILE B 289 21.90 -1.55 7.84
N ILE B 290 20.66 -1.36 8.22
CA ILE B 290 19.84 -2.47 8.72
C ILE B 290 19.33 -3.23 7.50
N PRO B 291 19.59 -4.54 7.42
CA PRO B 291 19.17 -5.23 6.19
C PRO B 291 17.66 -5.22 6.00
N ALA B 292 17.27 -5.15 4.74
CA ALA B 292 15.91 -4.92 4.31
C ALA B 292 15.20 -3.63 4.74
N SER B 293 15.93 -2.65 5.25
CA SER B 293 15.40 -1.30 5.46
C SER B 293 15.27 -0.58 4.11
N ARG B 294 14.57 0.53 4.12
CA ARG B 294 14.46 1.41 2.94
C ARG B 294 15.79 1.88 2.44
N GLU B 295 16.71 2.15 3.36
CA GLU B 295 18.05 2.54 2.99
C GLU B 295 18.75 1.40 2.24
N HIS B 296 18.65 0.18 2.74
CA HIS B 296 19.23 -0.96 2.07
C HIS B 296 18.59 -1.15 0.69
N LEU B 297 17.27 -1.20 0.66
CA LEU B 297 16.53 -1.45 -0.58
C LEU B 297 16.76 -0.37 -1.64
N LEU B 298 16.74 0.92 -1.24
CA LEU B 298 16.93 2.03 -2.19
C LEU B 298 18.33 2.19 -2.74
N LEU B 299 19.34 1.83 -1.95
CA LEU B 299 20.69 1.90 -2.46
C LEU B 299 20.85 1.12 -3.73
N GLY B 300 20.57 -0.17 -3.64
CA GLY B 300 20.60 -1.03 -4.85
C GLY B 300 19.47 -0.73 -5.83
N GLY B 301 18.28 -0.45 -5.32
CA GLY B 301 17.09 -0.18 -6.10
C GLY B 301 17.20 0.94 -7.12
N ILE B 302 17.67 2.11 -6.66
CA ILE B 302 17.86 3.29 -7.51
C ILE B 302 18.85 3.01 -8.58
N ALA B 303 19.93 2.32 -8.23
CA ALA B 303 20.90 1.90 -9.24
C ALA B 303 20.31 0.96 -10.28
N ARG B 304 19.51 0.00 -9.83
CA ARG B 304 18.86 -0.94 -10.79
C ARG B 304 17.79 -0.18 -11.60
N GLU B 305 17.07 0.75 -11.00
CA GLU B 305 16.10 1.55 -11.73
C GLU B 305 16.74 2.38 -12.86
N ALA B 306 17.91 2.95 -12.62
CA ALA B 306 18.58 3.74 -13.67
C ALA B 306 18.86 2.91 -14.87
N VAL B 307 19.38 1.71 -14.65
CA VAL B 307 19.65 0.75 -15.71
C VAL B 307 18.38 0.27 -16.37
N LEU B 308 17.33 -0.02 -15.60
CA LEU B 308 16.06 -0.41 -16.12
C LEU B 308 15.43 0.69 -17.05
N LEU B 309 15.45 1.95 -16.61
CA LEU B 309 14.94 3.06 -17.44
C LEU B 309 15.62 3.10 -18.79
N GLN B 310 16.95 3.03 -18.78
CA GLN B 310 17.73 3.02 -20.04
C GLN B 310 17.36 1.86 -20.95
N THR B 311 17.38 0.65 -20.43
CA THR B 311 17.07 -0.53 -21.24
C THR B 311 15.67 -0.46 -21.86
N VAL B 312 14.70 -0.03 -21.07
CA VAL B 312 13.36 0.08 -21.55
C VAL B 312 13.25 1.21 -22.57
N ARG B 313 13.90 2.35 -22.33
CA ARG B 313 13.86 3.50 -23.26
C ARG B 313 14.42 3.16 -24.67
N GLN B 314 15.47 2.32 -24.74
CA GLN B 314 16.02 1.80 -26.00
C GLN B 314 14.97 1.20 -26.89
N ASN B 315 14.09 0.37 -26.31
CA ASN B 315 13.09 -0.34 -27.08
C ASN B 315 11.76 0.36 -27.08
N VAL B 316 11.50 1.27 -26.14
CA VAL B 316 10.19 1.85 -25.97
C VAL B 316 10.38 3.34 -25.63
N PRO B 317 10.58 4.15 -26.69
CA PRO B 317 10.94 5.56 -26.44
C PRO B 317 9.83 6.35 -25.76
N THR B 318 8.61 5.85 -25.80
CA THR B 318 7.46 6.42 -25.09
C THR B 318 7.44 6.18 -23.54
N VAL B 319 8.37 5.42 -23.00
CA VAL B 319 8.49 5.24 -21.53
C VAL B 319 8.63 6.56 -20.78
N LYS B 320 7.79 6.82 -19.79
CA LYS B 320 7.93 8.00 -18.92
C LYS B 320 8.74 7.66 -17.64
N ASN B 321 8.48 6.53 -16.99
CA ASN B 321 9.16 6.21 -15.72
C ASN B 321 9.16 4.71 -15.41
N VAL B 322 10.02 4.33 -14.47
CA VAL B 322 10.13 2.97 -13.96
C VAL B 322 10.29 3.02 -12.45
N HIS B 323 9.79 1.99 -11.78
CA HIS B 323 9.90 1.82 -10.34
C HIS B 323 10.06 0.31 -10.02
N LEU B 324 11.11 -0.02 -9.30
CA LEU B 324 11.23 -1.29 -8.61
C LEU B 324 10.64 -1.18 -7.23
N THR B 325 9.51 -1.83 -6.98
CA THR B 325 8.75 -1.65 -5.75
C THR B 325 9.41 -2.26 -4.49
N PRO B 326 9.17 -1.66 -3.33
CA PRO B 326 9.73 -2.19 -2.09
C PRO B 326 9.28 -3.60 -1.71
N GLY B 327 7.99 -3.88 -1.92
CA GLY B 327 7.43 -5.22 -1.86
C GLY B 327 8.26 -6.30 -2.52
N GLY B 328 8.83 -5.96 -3.66
CA GLY B 328 9.74 -6.83 -4.40
C GLY B 328 11.17 -6.71 -4.10
N SER B 329 11.48 -6.06 -2.97
CA SER B 329 12.89 -5.79 -2.56
C SER B 329 13.68 -4.92 -3.50
N CYS B 330 12.98 -3.97 -4.14
CA CYS B 330 13.55 -3.09 -5.17
C CYS B 330 14.44 -3.88 -6.11
N ARG B 331 13.85 -4.93 -6.68
CA ARG B 331 14.58 -5.90 -7.44
C ARG B 331 13.66 -6.84 -8.28
N TYR B 332 12.66 -7.46 -7.65
CA TYR B 332 11.88 -8.51 -8.27
C TYR B 332 10.68 -8.02 -9.05
N HIS B 333 10.06 -6.93 -8.56
CA HIS B 333 8.88 -6.35 -9.14
C HIS B 333 9.11 -4.99 -9.80
N ALA B 334 8.71 -4.84 -11.06
CA ALA B 334 8.81 -3.58 -11.79
C ALA B 334 7.45 -3.03 -12.24
N VAL B 335 7.26 -1.73 -12.05
CA VAL B 335 6.13 -1.00 -12.58
C VAL B 335 6.68 0.01 -13.61
N ILE B 336 6.09 0.03 -14.82
CA ILE B 336 6.59 0.83 -15.96
C ILE B 336 5.45 1.66 -16.44
N SER B 337 5.61 2.99 -16.48
CA SER B 337 4.61 3.89 -17.10
C SER B 337 5.05 4.24 -18.51
N ILE B 338 4.14 4.15 -19.46
CA ILE B 338 4.39 4.58 -20.84
C ILE B 338 3.33 5.56 -21.30
N GLU B 339 3.69 6.44 -22.22
CA GLU B 339 2.71 7.29 -22.92
C GLU B 339 2.45 6.51 -24.17
N LYS B 340 1.44 5.67 -24.16
CA LYS B 340 1.28 4.69 -25.23
C LYS B 340 0.79 5.35 -26.54
N LYS B 341 1.44 5.04 -27.68
CA LYS B 341 1.01 5.49 -29.04
C LYS B 341 0.48 4.33 -29.88
N HIS B 342 1.13 3.16 -29.82
CA HIS B 342 0.72 1.99 -30.62
C HIS B 342 0.47 0.82 -29.71
N GLU B 343 -0.52 0.00 -30.01
CA GLU B 343 -0.70 -1.23 -29.25
C GLU B 343 0.58 -2.00 -29.55
N GLY B 344 1.00 -2.85 -28.62
CA GLY B 344 2.30 -3.54 -28.75
C GLY B 344 3.42 -2.96 -27.89
N GLU B 345 3.29 -1.71 -27.45
CA GLU B 345 4.27 -1.10 -26.59
C GLU B 345 4.39 -1.76 -25.21
N ALA B 346 3.28 -2.28 -24.66
CA ALA B 346 3.30 -2.93 -23.37
C ALA B 346 4.18 -4.15 -23.40
N LYS B 347 3.98 -5.02 -24.38
CA LYS B 347 4.82 -6.22 -24.57
C LYS B 347 6.29 -5.91 -24.74
N ARG B 348 6.60 -4.88 -25.51
CA ARG B 348 8.00 -4.47 -25.70
C ARG B 348 8.62 -3.94 -24.37
N ALA B 349 7.88 -3.15 -23.62
CA ALA B 349 8.37 -2.67 -22.31
C ALA B 349 8.60 -3.91 -21.38
N ILE B 350 7.69 -4.87 -21.41
CA ILE B 350 7.82 -6.08 -20.62
C ILE B 350 9.05 -6.89 -21.00
N ASP B 351 9.24 -7.12 -22.30
CA ASP B 351 10.39 -7.89 -22.80
C ASP B 351 11.72 -7.20 -22.43
N ALA B 352 11.75 -5.88 -22.50
CA ALA B 352 12.92 -5.08 -22.12
C ALA B 352 13.19 -5.16 -20.61
N ALA B 353 12.15 -5.12 -19.75
CA ALA B 353 12.37 -5.23 -18.33
C ALA B 353 13.02 -6.59 -17.98
N PHE B 354 12.58 -7.66 -18.60
CA PHE B 354 13.20 -8.97 -18.39
C PHE B 354 14.65 -9.15 -18.85
N ASN B 355 15.09 -8.34 -19.83
CA ASN B 355 16.50 -8.30 -20.21
C ASN B 355 17.31 -7.33 -19.30
N SER B 356 16.69 -6.35 -18.64
CA SER B 356 17.41 -5.48 -17.68
C SER B 356 18.25 -6.27 -16.66
N SER B 357 17.68 -7.32 -16.10
CA SER B 357 18.40 -8.23 -15.18
C SER B 357 17.63 -9.49 -15.07
N SER B 358 18.32 -10.58 -14.90
CA SER B 358 17.68 -11.86 -14.65
C SER B 358 16.81 -11.89 -13.37
N GLU B 359 17.01 -10.93 -12.45
CA GLU B 359 16.21 -10.84 -11.20
C GLU B 359 14.73 -10.44 -11.35
N VAL B 360 14.38 -9.60 -12.36
CA VAL B 360 13.06 -9.09 -12.48
C VAL B 360 12.15 -10.26 -12.83
N LYS B 361 11.05 -10.34 -12.09
CA LYS B 361 10.23 -11.52 -12.02
C LYS B 361 8.77 -11.21 -12.46
N HIS B 362 8.32 -10.00 -12.19
CA HIS B 362 6.94 -9.57 -12.30
C HIS B 362 6.99 -8.09 -12.78
N VAL B 363 6.30 -7.80 -13.88
CA VAL B 363 6.31 -6.49 -14.50
C VAL B 363 4.88 -6.07 -14.72
N VAL B 364 4.49 -4.91 -14.20
CA VAL B 364 3.28 -4.27 -14.65
C VAL B 364 3.47 -2.97 -15.44
N VAL B 365 2.76 -2.86 -16.56
CA VAL B 365 2.84 -1.66 -17.44
C VAL B 365 1.55 -0.85 -17.27
N VAL B 366 1.65 0.44 -17.05
CA VAL B 366 0.49 1.29 -16.91
C VAL B 366 0.65 2.56 -17.78
N ASP B 367 -0.45 3.26 -17.97
CA ASP B 367 -0.42 4.53 -18.69
C ASP B 367 0.26 5.63 -17.86
N HIS B 368 0.80 6.62 -18.57
CA HIS B 368 1.56 7.76 -18.00
C HIS B 368 0.89 8.50 -16.89
N GLU B 369 -0.43 8.56 -16.86
CA GLU B 369 -1.11 9.30 -15.78
C GLU B 369 -1.24 8.54 -14.42
N ILE B 370 -0.85 7.25 -14.36
CA ILE B 370 -0.91 6.47 -13.11
C ILE B 370 0.36 6.83 -12.36
N ASN B 371 0.23 7.13 -11.10
CA ASN B 371 1.42 7.32 -10.27
C ASN B 371 1.92 5.91 -9.84
N ILE B 372 3.00 5.50 -10.45
CA ILE B 372 3.57 4.21 -10.25
C ILE B 372 4.24 4.00 -8.92
N PHE B 373 4.49 5.11 -8.20
CA PHE B 373 5.05 5.05 -6.84
C PHE B 373 3.99 4.88 -5.79
N ASP B 374 2.71 4.85 -6.20
CA ASP B 374 1.57 4.64 -5.32
C ASP B 374 0.99 3.26 -5.60
N PRO B 375 1.25 2.28 -4.69
CA PRO B 375 0.80 0.88 -4.98
C PRO B 375 -0.72 0.78 -5.14
N GLU B 376 -1.50 1.59 -4.43
CA GLU B 376 -2.95 1.49 -4.52
C GLU B 376 -3.49 1.89 -5.94
N GLU B 377 -2.78 2.81 -6.57
CA GLU B 377 -3.16 3.33 -7.88
C GLU B 377 -2.72 2.33 -8.96
N VAL B 378 -1.52 1.79 -8.85
CA VAL B 378 -1.17 0.69 -9.74
C VAL B 378 -2.13 -0.51 -9.59
N GLU B 379 -2.52 -0.88 -8.38
CA GLU B 379 -3.48 -1.98 -8.20
C GLU B 379 -4.81 -1.66 -8.85
N TRP B 380 -5.22 -0.42 -8.71
CA TRP B 380 -6.44 0.02 -9.33
C TRP B 380 -6.40 -0.09 -10.86
N ALA B 381 -5.29 0.30 -11.46
CA ALA B 381 -5.08 0.14 -12.86
C ALA B 381 -5.12 -1.33 -13.26
N VAL B 382 -4.50 -2.23 -12.48
CA VAL B 382 -4.61 -3.67 -12.76
C VAL B 382 -6.10 -4.10 -12.62
N ALA B 383 -6.75 -3.70 -11.54
CA ALA B 383 -8.12 -4.13 -11.31
C ALA B 383 -9.04 -3.70 -12.48
N THR B 384 -8.84 -2.51 -13.04
CA THR B 384 -9.82 -1.98 -13.98
C THR B 384 -9.37 -2.06 -15.45
N ARG B 385 -8.10 -2.29 -15.73
CA ARG B 385 -7.56 -2.28 -17.09
C ARG B 385 -6.83 -3.53 -17.52
N CYS B 386 -6.78 -4.56 -16.68
CA CYS B 386 -6.15 -5.81 -17.08
C CYS B 386 -7.22 -6.88 -17.28
N GLN B 387 -7.23 -7.48 -18.46
CA GLN B 387 -8.02 -8.67 -18.77
C GLN B 387 -7.05 -9.83 -18.94
N PRO B 388 -6.93 -10.71 -17.93
CA PRO B 388 -5.78 -11.62 -17.89
C PRO B 388 -5.60 -12.59 -19.07
N GLY B 389 -6.68 -12.97 -19.75
CA GLY B 389 -6.56 -13.84 -20.93
C GLY B 389 -5.86 -13.17 -22.09
N ARG B 390 -6.07 -11.87 -22.22
CA ARG B 390 -5.38 -11.03 -23.19
C ARG B 390 -4.06 -10.40 -22.67
N ASP B 391 -4.01 -10.03 -21.38
CA ASP B 391 -3.01 -9.06 -20.90
C ASP B 391 -1.86 -9.62 -20.02
N VAL B 392 -1.82 -10.93 -19.81
CA VAL B 392 -0.83 -11.61 -18.98
C VAL B 392 0.00 -12.55 -19.81
N THR B 393 1.32 -12.42 -19.76
CA THR B 393 2.23 -13.42 -20.30
C THR B 393 3.04 -14.02 -19.15
N ILE B 394 3.28 -15.34 -19.22
CA ILE B 394 4.07 -16.07 -18.29
C ILE B 394 5.31 -16.65 -18.96
N PHE B 395 6.48 -16.58 -18.27
CA PHE B 395 7.72 -17.26 -18.69
C PHE B 395 7.97 -18.37 -17.69
N LYS B 396 7.97 -19.61 -18.17
CA LYS B 396 8.16 -20.81 -17.34
C LYS B 396 9.59 -21.36 -17.62
N ASP B 397 10.50 -21.18 -16.63
CA ASP B 397 11.96 -21.58 -16.59
C ASP B 397 13.01 -20.46 -16.72
N VAL B 411 16.75 -20.30 -10.18
CA VAL B 411 16.18 -20.13 -11.52
C VAL B 411 14.65 -19.87 -11.48
N SER B 412 14.13 -18.91 -12.28
CA SER B 412 12.81 -18.35 -11.98
C SER B 412 11.74 -18.19 -13.09
N ASP B 413 10.52 -18.58 -12.78
CA ASP B 413 9.37 -18.17 -13.59
C ASP B 413 9.12 -16.65 -13.48
N LYS B 414 8.49 -16.07 -14.49
CA LYS B 414 8.28 -14.64 -14.58
C LYS B 414 6.93 -14.39 -15.16
N MET B 415 6.40 -13.19 -14.91
CA MET B 415 5.09 -12.82 -15.39
C MET B 415 5.08 -11.35 -15.81
N GLY B 416 4.42 -11.06 -16.90
CA GLY B 416 4.16 -9.67 -17.37
C GLY B 416 2.67 -9.39 -17.45
N ILE B 417 2.27 -8.20 -17.00
CA ILE B 417 0.91 -7.73 -16.95
C ILE B 417 0.76 -6.38 -17.70
N ASP B 418 -0.14 -6.33 -18.68
CA ASP B 418 -0.43 -5.08 -19.43
C ASP B 418 -1.64 -4.46 -18.86
N ALA B 419 -1.47 -3.42 -18.05
CA ALA B 419 -2.59 -2.80 -17.43
C ALA B 419 -2.79 -1.38 -18.06
N THR B 420 -2.49 -1.24 -19.35
CA THR B 420 -2.84 -0.04 -20.09
C THR B 420 -4.24 -0.09 -20.69
N ILE B 421 -4.83 1.08 -20.83
CA ILE B 421 -6.10 1.25 -21.53
C ILE B 421 -5.89 0.84 -23.00
N PRO B 422 -6.79 -0.01 -23.55
CA PRO B 422 -6.69 -0.32 -25.01
C PRO B 422 -6.95 0.91 -25.88
N LEU B 423 -6.30 1.01 -27.04
CA LEU B 423 -6.25 2.29 -27.83
C LEU B 423 -7.57 2.77 -28.52
N ASN B 424 -8.36 1.85 -29.06
CA ASN B 424 -9.84 2.03 -29.22
C ASN B 424 -10.49 0.81 -29.89
N PHE B 430 -13.07 5.50 -19.46
CA PHE B 430 -11.86 5.56 -18.61
C PHE B 430 -11.46 6.90 -17.94
N GLU B 431 -12.24 7.98 -18.14
CA GLU B 431 -12.01 9.25 -17.39
C GLU B 431 -12.23 9.09 -15.86
N ARG B 432 -11.22 9.53 -15.10
CA ARG B 432 -11.26 9.49 -13.65
C ARG B 432 -12.27 10.54 -13.17
N ILE B 433 -13.07 10.16 -12.16
CA ILE B 433 -14.03 11.10 -11.56
C ILE B 433 -13.22 12.15 -10.79
N SER B 434 -13.81 13.33 -10.63
CA SER B 434 -13.24 14.39 -9.81
C SER B 434 -14.34 15.34 -9.31
N ILE B 435 -13.96 16.18 -8.35
CA ILE B 435 -14.85 17.12 -7.68
C ILE B 435 -14.28 18.53 -7.96
N PRO B 436 -15.05 19.43 -8.63
CA PRO B 436 -14.55 20.82 -8.79
C PRO B 436 -14.36 21.59 -7.44
N GLY B 437 -13.28 22.39 -7.40
CA GLY B 437 -12.90 23.13 -6.20
C GLY B 437 -11.96 22.42 -5.23
N LEU B 438 -11.63 21.13 -5.44
CA LEU B 438 -10.89 20.31 -4.45
C LEU B 438 -9.42 20.73 -4.22
N ASP B 439 -8.75 21.24 -5.25
CA ASP B 439 -7.45 21.91 -5.06
C ASP B 439 -7.67 23.27 -4.35
N LYS B 440 -8.71 23.97 -4.76
CA LYS B 440 -9.00 25.34 -4.32
C LYS B 440 -9.42 25.49 -2.84
N ILE B 441 -9.91 24.43 -2.18
CA ILE B 441 -10.64 24.54 -0.89
C ILE B 441 -9.99 23.67 0.18
N LYS B 442 -9.88 24.20 1.39
CA LYS B 442 -9.19 23.52 2.49
C LYS B 442 -10.15 23.33 3.67
N LEU B 443 -10.23 22.10 4.16
CA LEU B 443 -11.11 21.74 5.27
C LEU B 443 -10.84 22.55 6.52
N ALA B 444 -9.55 22.80 6.80
CA ALA B 444 -9.13 23.66 7.94
C ALA B 444 -9.80 25.03 8.00
N ASP B 445 -9.98 25.69 6.85
CA ASP B 445 -10.68 27.02 6.76
C ASP B 445 -12.18 27.02 7.03
N TYR B 446 -12.82 25.84 7.12
CA TYR B 446 -14.28 25.73 7.35
C TYR B 446 -14.72 25.31 8.73
N LEU B 447 -13.81 24.68 9.49
CA LEU B 447 -14.16 24.04 10.77
C LEU B 447 -14.68 24.89 11.95
K K C . -29.40 -6.29 -0.23
MN MN D . -31.81 -9.00 -1.16
C9 4LU E . -24.56 0.27 -2.75
C8 4LU E . -24.09 1.33 -1.93
C7 4LU E . -24.07 2.67 -2.37
C10 4LU E . -26.16 -0.16 -6.11
C6 4LU E . -24.28 2.95 -3.81
N3 4LU E . -27.95 0.51 -8.15
C2 4LU E . -27.86 -0.77 -7.69
C13 4LU E . -23.60 5.65 -3.99
C5 4LU E . -24.25 4.35 -4.46
C1 4LU E . -24.66 3.18 -6.65
O2 4LU E . -28.60 -1.64 -8.23
N1 4LU E . -26.98 -1.09 -6.69
C4 4LU E . -27.20 1.51 -7.62
O4 4LU E . -27.38 2.66 -8.04
C4A 4LU E . -26.24 1.17 -6.52
N5 4LU E . -25.43 2.15 -5.86
C3 4LU E . -24.26 4.25 -5.95
C12 4LU E . -25.71 4.87 -4.15
C5A 4LU E . -24.93 1.88 -4.57
C7M 4LU E . -23.58 3.78 -1.51
C8M 4LU E . -23.74 0.94 -0.51
C9A 4LU E . -24.94 0.48 -4.07
N10 4LU E . -25.28 -0.51 -5.03
C1' 4LU E . -25.24 -1.93 -4.65
C2' 4LU E . -26.47 -2.51 -3.91
O2' 4LU E . -27.09 -1.65 -2.88
C3' 4LU E . -25.99 -3.84 -3.29
O3' 4LU E . -25.32 -4.74 -4.21
C4' 4LU E . -27.19 -4.58 -2.72
O4' 4LU E . -26.73 -5.57 -1.79
C5' 4LU E . -28.07 -5.31 -3.76
O5' 4LU E . -29.08 -5.91 -2.93
P 4LU E . -29.93 -7.22 -3.33
O2P 4LU E . -31.02 -7.25 -2.32
O3P 4LU E . -30.46 -7.01 -4.75
O1P 4LU E . -28.95 -8.40 -3.25
CA CA F . 3.38 -20.76 -4.21
K K G . 29.76 -2.10 -7.88
MN MN H . 32.34 -2.91 -10.56
C9 4LU I . 24.81 -4.27 -1.24
C8 4LU I . 24.32 -3.42 -0.21
C7 4LU I . 24.18 -3.85 1.12
C10 4LU I . 26.28 -7.70 -1.70
C6 4LU I . 24.34 -5.34 1.40
N3 4LU I . 27.97 -9.81 -0.99
C2 4LU I . 27.91 -9.38 -2.29
C13 4LU I . 23.52 -5.45 3.99
C5 4LU I . 24.26 -6.02 2.80
C1 4LU I . 24.73 -8.16 1.69
O2 4LU I . 28.64 -9.94 -3.17
N1 4LU I . 27.09 -8.34 -2.64
C4 4LU I . 27.22 -9.24 0.00
O4 4LU I . 27.32 -9.65 1.19
C4A 4LU I . 26.28 -8.12 -0.35
N5 4LU I . 25.49 -7.43 0.62
C3 4LU I . 24.56 -7.48 2.84
C12 4LU I . 25.68 -5.65 3.32
C5A 4LU I . 24.99 -6.13 0.35
C7M 4LU I . 23.65 -2.91 2.19
C8M 4LU I . 24.02 -2.01 -0.63
C9A 4LU I . 25.12 -5.64 -1.04
N10 4LU I . 25.46 -6.60 -2.06
C1' 4LU I . 25.43 -6.25 -3.48
C2' 4LU I . 26.71 -5.63 -4.10
O2' 4LU I . 27.31 -4.63 -3.27
C3' 4LU I . 26.32 -4.97 -5.41
O3' 4LU I . 25.55 -5.89 -6.19
C4' 4LU I . 27.53 -4.44 -6.17
O4' 4LU I . 27.22 -3.42 -7.16
C5' 4LU I . 28.38 -5.49 -6.88
O5' 4LU I . 29.40 -4.65 -7.46
P 4LU I . 30.34 -5.14 -8.70
O2P 4LU I . 31.43 -4.07 -8.87
O3P 4LU I . 30.99 -6.47 -8.23
O1P 4LU I . 29.39 -5.22 -9.90
CA CA J . -4.79 -3.83 -20.75
#